data_311D
# 
_entry.id   311D 
# 
_audit_conform.dict_name       mmcif_pdbx.dic 
_audit_conform.dict_version    5.387 
_audit_conform.dict_location   http://mmcif.pdb.org/dictionaries/ascii/mmcif_pdbx.dic 
# 
loop_
_database_2.database_id 
_database_2.database_code 
_database_2.pdbx_database_accession 
_database_2.pdbx_DOI 
PDB   311D         pdb_0000311d 10.2210/pdb311d/pdb 
RCSB  GDL052       ?            ?                   
WWPDB D_1000178779 ?            ?                   
# 
loop_
_pdbx_audit_revision_history.ordinal 
_pdbx_audit_revision_history.data_content_type 
_pdbx_audit_revision_history.major_revision 
_pdbx_audit_revision_history.minor_revision 
_pdbx_audit_revision_history.revision_date 
1 'Structure model' 1 0 1997-02-11 
2 'Structure model' 1 1 2008-05-22 
3 'Structure model' 1 2 2011-07-13 
4 'Structure model' 1 3 2024-02-21 
# 
_pdbx_audit_revision_details.ordinal             1 
_pdbx_audit_revision_details.revision_ordinal    1 
_pdbx_audit_revision_details.data_content_type   'Structure model' 
_pdbx_audit_revision_details.provider            repository 
_pdbx_audit_revision_details.type                'Initial release' 
_pdbx_audit_revision_details.description         ? 
_pdbx_audit_revision_details.details             ? 
# 
loop_
_pdbx_audit_revision_group.ordinal 
_pdbx_audit_revision_group.revision_ordinal 
_pdbx_audit_revision_group.data_content_type 
_pdbx_audit_revision_group.group 
1 2 'Structure model' 'Version format compliance' 
2 3 'Structure model' 'Version format compliance' 
3 4 'Structure model' 'Data collection'           
4 4 'Structure model' 'Database references'       
5 4 'Structure model' 'Derived calculations'      
# 
loop_
_pdbx_audit_revision_category.ordinal 
_pdbx_audit_revision_category.revision_ordinal 
_pdbx_audit_revision_category.data_content_type 
_pdbx_audit_revision_category.category 
1 4 'Structure model' chem_comp_atom 
2 4 'Structure model' chem_comp_bond 
3 4 'Structure model' database_2     
4 4 'Structure model' struct_site    
# 
loop_
_pdbx_audit_revision_item.ordinal 
_pdbx_audit_revision_item.revision_ordinal 
_pdbx_audit_revision_item.data_content_type 
_pdbx_audit_revision_item.item 
1 4 'Structure model' '_database_2.pdbx_DOI'                
2 4 'Structure model' '_database_2.pdbx_database_accession' 
3 4 'Structure model' '_struct_site.pdbx_auth_asym_id'      
4 4 'Structure model' '_struct_site.pdbx_auth_comp_id'      
5 4 'Structure model' '_struct_site.pdbx_auth_seq_id'       
# 
_pdbx_database_status.status_code                     REL 
_pdbx_database_status.entry_id                        311D 
_pdbx_database_status.recvd_initial_deposition_date   1997-02-04 
_pdbx_database_status.deposit_site                    NDB 
_pdbx_database_status.process_site                    NDB 
_pdbx_database_status.status_code_sf                  REL 
_pdbx_database_status.status_code_mr                  ? 
_pdbx_database_status.SG_entry                        ? 
_pdbx_database_status.pdb_format_compatible           Y 
_pdbx_database_status.status_code_cs                  ? 
_pdbx_database_status.status_code_nmr_data            ? 
_pdbx_database_status.methods_development_category    ? 
# 
loop_
_audit_author.name 
_audit_author.pdbx_ordinal 
'Clark, G.R.'  1 
'Boykin, D.W.' 2 
'Czarny, A.'   3 
'Neidle, S.'   4 
# 
_citation.id                        primary 
_citation.title                     
;Structure of a bis-amidinium derivative of hoechst 33258 complexed to dodecanucleotide d(CGCGAATTCGCG)2: the role of hydrogen bonding in minor groove drug-DNA recognition.
;
_citation.journal_abbrev            'Nucleic Acids Res.' 
_citation.journal_volume            25 
_citation.page_first                1510 
_citation.page_last                 1515 
_citation.year                      1997 
_citation.journal_id_ASTM           NARHAD 
_citation.country                   UK 
_citation.journal_id_ISSN           0305-1048 
_citation.journal_id_CSD            0389 
_citation.book_publisher            ? 
_citation.pdbx_database_id_PubMed   9162901 
_citation.pdbx_database_id_DOI      10.1093/nar/25.8.1510 
# 
loop_
_citation_author.citation_id 
_citation_author.name 
_citation_author.ordinal 
_citation_author.identifier_ORCID 
primary 'Clark, G.R.'  1 ? 
primary 'Boykin, D.W.' 2 ? 
primary 'Czarny, A.'   3 ? 
primary 'Neidle, S.'   4 ? 
# 
loop_
_entity.id 
_entity.type 
_entity.src_method 
_entity.pdbx_description 
_entity.formula_weight 
_entity.pdbx_number_of_molecules 
_entity.pdbx_ec 
_entity.pdbx_mutation 
_entity.pdbx_fragment 
_entity.details 
1 polymer     syn 
;DNA (5'-D(*CP*GP*CP*GP*AP*AP*TP*TP*CP*GP*CP*G)-3')
;
3663.392 2  ? ? ? ? 
2 non-polymer syn '5-AMIDINO-2-[2-(4-AMIDINOPHENYL)-5-BENZIMIDAZOLYL]BENZIMIDAZOLE' 394.432  1  ? ? ? ? 
3 water       nat water                                                             18.015   77 ? ? ? ? 
# 
_entity_poly.entity_id                      1 
_entity_poly.type                           polydeoxyribonucleotide 
_entity_poly.nstd_linkage                   no 
_entity_poly.nstd_monomer                   no 
_entity_poly.pdbx_seq_one_letter_code       '(DC)(DG)(DC)(DG)(DA)(DA)(DT)(DT)(DC)(DG)(DC)(DG)' 
_entity_poly.pdbx_seq_one_letter_code_can   CGCGAATTCGCG 
_entity_poly.pdbx_strand_id                 A,B 
_entity_poly.pdbx_target_identifier         ? 
# 
loop_
_pdbx_entity_nonpoly.entity_id 
_pdbx_entity_nonpoly.name 
_pdbx_entity_nonpoly.comp_id 
2 '5-AMIDINO-2-[2-(4-AMIDINOPHENYL)-5-BENZIMIDAZOLYL]BENZIMIDAZOLE' HT2 
3 water                                                             HOH 
# 
loop_
_entity_poly_seq.entity_id 
_entity_poly_seq.num 
_entity_poly_seq.mon_id 
_entity_poly_seq.hetero 
1 1  DC n 
1 2  DG n 
1 3  DC n 
1 4  DG n 
1 5  DA n 
1 6  DA n 
1 7  DT n 
1 8  DT n 
1 9  DC n 
1 10 DG n 
1 11 DC n 
1 12 DG n 
# 
loop_
_chem_comp.id 
_chem_comp.type 
_chem_comp.mon_nstd_flag 
_chem_comp.name 
_chem_comp.pdbx_synonyms 
_chem_comp.formula 
_chem_comp.formula_weight 
DA  'DNA linking' y "2'-DEOXYADENOSINE-5'-MONOPHOSPHATE"                              ?                                           
'C10 H14 N5 O6 P' 331.222 
DC  'DNA linking' y "2'-DEOXYCYTIDINE-5'-MONOPHOSPHATE"                               ?                                           
'C9 H14 N3 O7 P'  307.197 
DG  'DNA linking' y "2'-DEOXYGUANOSINE-5'-MONOPHOSPHATE"                              ?                                           
'C10 H14 N5 O7 P' 347.221 
DT  'DNA linking' y "THYMIDINE-5'-MONOPHOSPHATE"                                      ?                                           
'C10 H15 N2 O8 P' 322.208 
HOH non-polymer   . WATER                                                             ?                                           
'H2 O'            18.015  
HT2 non-polymer   . '5-AMIDINO-2-[2-(4-AMIDINOPHENYL)-5-BENZIMIDAZOLYL]BENZIMIDAZOLE' 'BIS-AMIDINIUM DERIVATIVE OF HOECHST 33258' 
'C22 H18 N8'      394.432 
# 
loop_
_pdbx_poly_seq_scheme.asym_id 
_pdbx_poly_seq_scheme.entity_id 
_pdbx_poly_seq_scheme.seq_id 
_pdbx_poly_seq_scheme.mon_id 
_pdbx_poly_seq_scheme.ndb_seq_num 
_pdbx_poly_seq_scheme.pdb_seq_num 
_pdbx_poly_seq_scheme.auth_seq_num 
_pdbx_poly_seq_scheme.pdb_mon_id 
_pdbx_poly_seq_scheme.auth_mon_id 
_pdbx_poly_seq_scheme.pdb_strand_id 
_pdbx_poly_seq_scheme.pdb_ins_code 
_pdbx_poly_seq_scheme.hetero 
A 1 1  DC 1  1  1  DC C A . n 
A 1 2  DG 2  2  2  DG G A . n 
A 1 3  DC 3  3  3  DC C A . n 
A 1 4  DG 4  4  4  DG G A . n 
A 1 5  DA 5  5  5  DA A A . n 
A 1 6  DA 6  6  6  DA A A . n 
A 1 7  DT 7  7  7  DT T A . n 
A 1 8  DT 8  8  8  DT T A . n 
A 1 9  DC 9  9  9  DC C A . n 
A 1 10 DG 10 10 10 DG G A . n 
A 1 11 DC 11 11 11 DC C A . n 
A 1 12 DG 12 12 12 DG G A . n 
B 1 1  DC 1  13 13 DC C B . n 
B 1 2  DG 2  14 14 DG G B . n 
B 1 3  DC 3  15 15 DC C B . n 
B 1 4  DG 4  16 16 DG G B . n 
B 1 5  DA 5  17 17 DA A B . n 
B 1 6  DA 6  18 18 DA A B . n 
B 1 7  DT 7  19 19 DT T B . n 
B 1 8  DT 8  20 20 DT T B . n 
B 1 9  DC 9  21 21 DC C B . n 
B 1 10 DG 10 22 22 DG G B . n 
B 1 11 DC 11 23 23 DC C B . n 
B 1 12 DG 12 24 24 DG G B . n 
# 
loop_
_pdbx_nonpoly_scheme.asym_id 
_pdbx_nonpoly_scheme.entity_id 
_pdbx_nonpoly_scheme.mon_id 
_pdbx_nonpoly_scheme.ndb_seq_num 
_pdbx_nonpoly_scheme.pdb_seq_num 
_pdbx_nonpoly_scheme.auth_seq_num 
_pdbx_nonpoly_scheme.pdb_mon_id 
_pdbx_nonpoly_scheme.auth_mon_id 
_pdbx_nonpoly_scheme.pdb_strand_id 
_pdbx_nonpoly_scheme.pdb_ins_code 
C 2 HT2 1  25  25  HT2 HT2 B . 
D 3 HOH 1  27  27  HOH HOH A . 
D 3 HOH 2  30  30  HOH HOH A . 
D 3 HOH 3  34  34  HOH HOH A . 
D 3 HOH 4  35  35  HOH HOH A . 
D 3 HOH 5  36  36  HOH HOH A . 
D 3 HOH 6  37  37  HOH HOH A . 
D 3 HOH 7  38  38  HOH HOH A . 
D 3 HOH 8  39  39  HOH HOH A . 
D 3 HOH 9  41  41  HOH HOH A . 
D 3 HOH 10 42  42  HOH HOH A . 
D 3 HOH 11 43  43  HOH HOH A . 
D 3 HOH 12 44  44  HOH HOH A . 
D 3 HOH 13 47  47  HOH HOH A . 
D 3 HOH 14 48  48  HOH HOH A . 
D 3 HOH 15 50  50  HOH HOH A . 
D 3 HOH 16 51  51  HOH HOH A . 
D 3 HOH 17 52  52  HOH HOH A . 
D 3 HOH 18 55  55  HOH HOH A . 
D 3 HOH 19 57  57  HOH HOH A . 
D 3 HOH 20 58  58  HOH HOH A . 
D 3 HOH 21 59  59  HOH HOH A . 
D 3 HOH 22 60  60  HOH HOH A . 
D 3 HOH 23 61  61  HOH HOH A . 
D 3 HOH 24 63  63  HOH HOH A . 
D 3 HOH 25 65  65  HOH HOH A . 
D 3 HOH 26 66  66  HOH HOH A . 
D 3 HOH 27 67  67  HOH HOH A . 
D 3 HOH 28 68  68  HOH HOH A . 
D 3 HOH 29 69  69  HOH HOH A . 
D 3 HOH 30 71  71  HOH HOH A . 
D 3 HOH 31 73  73  HOH HOH A . 
D 3 HOH 32 76  76  HOH HOH A . 
D 3 HOH 33 77  77  HOH HOH A . 
D 3 HOH 34 80  80  HOH HOH A . 
D 3 HOH 35 81  81  HOH HOH A . 
D 3 HOH 36 82  82  HOH HOH A . 
D 3 HOH 37 83  83  HOH HOH A . 
D 3 HOH 38 84  84  HOH HOH A . 
D 3 HOH 39 85  85  HOH HOH A . 
D 3 HOH 40 86  86  HOH HOH A . 
D 3 HOH 41 87  87  HOH HOH A . 
D 3 HOH 42 88  88  HOH HOH A . 
D 3 HOH 43 89  89  HOH HOH A . 
D 3 HOH 44 91  91  HOH HOH A . 
D 3 HOH 45 92  92  HOH HOH A . 
D 3 HOH 46 93  93  HOH HOH A . 
D 3 HOH 47 94  94  HOH HOH A . 
D 3 HOH 48 96  96  HOH HOH A . 
D 3 HOH 49 97  97  HOH HOH A . 
D 3 HOH 50 98  98  HOH HOH A . 
D 3 HOH 51 100 100 HOH HOH A . 
D 3 HOH 52 101 101 HOH HOH A . 
D 3 HOH 53 102 102 HOH HOH A . 
E 3 HOH 1  26  26  HOH HOH B . 
E 3 HOH 2  28  28  HOH HOH B . 
E 3 HOH 3  29  29  HOH HOH B . 
E 3 HOH 4  31  31  HOH HOH B . 
E 3 HOH 5  32  32  HOH HOH B . 
E 3 HOH 6  33  33  HOH HOH B . 
E 3 HOH 7  40  40  HOH HOH B . 
E 3 HOH 8  45  45  HOH HOH B . 
E 3 HOH 9  46  46  HOH HOH B . 
E 3 HOH 10 49  49  HOH HOH B . 
E 3 HOH 11 53  53  HOH HOH B . 
E 3 HOH 12 54  54  HOH HOH B . 
E 3 HOH 13 56  56  HOH HOH B . 
E 3 HOH 14 62  62  HOH HOH B . 
E 3 HOH 15 64  64  HOH HOH B . 
E 3 HOH 16 70  70  HOH HOH B . 
E 3 HOH 17 72  72  HOH HOH B . 
E 3 HOH 18 74  74  HOH HOH B . 
E 3 HOH 19 75  75  HOH HOH B . 
E 3 HOH 20 78  78  HOH HOH B . 
E 3 HOH 21 79  79  HOH HOH B . 
E 3 HOH 22 90  90  HOH HOH B . 
E 3 HOH 23 95  95  HOH HOH B . 
E 3 HOH 24 99  99  HOH HOH B . 
# 
loop_
_software.name 
_software.classification 
_software.version 
_software.citation_id 
_software.pdbx_ordinal 
X-PLOR refinement       . ? 1 
XENGEN 'data reduction' . ? 2 
# 
_cell.entry_id           311D 
_cell.length_a           25.750 
_cell.length_b           40.560 
_cell.length_c           66.260 
_cell.angle_alpha        90.00 
_cell.angle_beta         90.00 
_cell.angle_gamma        90.00 
_cell.Z_PDB              8 
_cell.pdbx_unique_axis   ? 
# 
_symmetry.entry_id                         311D 
_symmetry.space_group_name_H-M             'P 21 21 21' 
_symmetry.pdbx_full_space_group_name_H-M   ? 
_symmetry.cell_setting                     ? 
_symmetry.Int_Tables_number                19 
# 
_exptl.entry_id          311D 
_exptl.method            'X-RAY DIFFRACTION' 
_exptl.crystals_number   ? 
# 
_exptl_crystal.id                    1 
_exptl_crystal.density_meas          ? 
_exptl_crystal.density_Matthews      2.36 
_exptl_crystal.density_percent_sol   47.91 
_exptl_crystal.description           ? 
# 
_diffrn.id                     1 
_diffrn.crystal_id             1 
_diffrn.ambient_temp           ? 
_diffrn.ambient_temp_details   ? 
# 
_diffrn_detector.diffrn_id              1 
_diffrn_detector.detector               'AREA DETECTOR' 
_diffrn_detector.type                   XENTRONICS 
_diffrn_detector.pdbx_collection_date   1995-10-01 
_diffrn_detector.details                ? 
# 
_diffrn_radiation.diffrn_id                        1 
_diffrn_radiation.wavelength_id                    1 
_diffrn_radiation.pdbx_monochromatic_or_laue_m_l   M 
_diffrn_radiation.monochromator                    ? 
_diffrn_radiation.pdbx_diffrn_protocol             ? 
_diffrn_radiation.pdbx_scattering_type             x-ray 
# 
_diffrn_radiation_wavelength.id           1 
_diffrn_radiation_wavelength.wavelength   . 
_diffrn_radiation_wavelength.wt           1.0 
# 
_diffrn_source.diffrn_id                   1 
_diffrn_source.source                      ? 
_diffrn_source.type                        ? 
_diffrn_source.pdbx_synchrotron_site       ? 
_diffrn_source.pdbx_synchrotron_beamline   ? 
_diffrn_source.pdbx_wavelength             ? 
_diffrn_source.pdbx_wavelength_list        ? 
# 
_reflns.entry_id                     311D 
_reflns.observed_criterion_sigma_I   ? 
_reflns.observed_criterion_sigma_F   2.000 
_reflns.d_resolution_low             ? 
_reflns.d_resolution_high            2.200 
_reflns.number_obs                   2954 
_reflns.number_all                   ? 
_reflns.percent_possible_obs         ? 
_reflns.pdbx_Rmerge_I_obs            0.0440000 
_reflns.pdbx_Rsym_value              ? 
_reflns.pdbx_netI_over_sigmaI        ? 
_reflns.B_iso_Wilson_estimate        ? 
_reflns.pdbx_redundancy              ? 
_reflns.pdbx_diffrn_id               1 
_reflns.pdbx_ordinal                 1 
# 
_refine.entry_id                                 311D 
_refine.ls_number_reflns_obs                     2954 
_refine.ls_number_reflns_all                     ? 
_refine.pdbx_ls_sigma_I                          ? 
_refine.pdbx_ls_sigma_F                          2.000 
_refine.pdbx_data_cutoff_high_absF               ? 
_refine.pdbx_data_cutoff_low_absF                ? 
_refine.pdbx_data_cutoff_high_rms_absF           ? 
_refine.ls_d_res_low                             8.000 
_refine.ls_d_res_high                            2.200 
_refine.ls_percent_reflns_obs                    ? 
_refine.ls_R_factor_obs                          0.1950000 
_refine.ls_R_factor_all                          ? 
_refine.ls_R_factor_R_work                       0.1950000 
_refine.ls_R_factor_R_free                       ? 
_refine.ls_R_factor_R_free_error                 ? 
_refine.ls_R_factor_R_free_error_details         ? 
_refine.ls_percent_reflns_R_free                 ? 
_refine.ls_number_reflns_R_free                  ? 
_refine.ls_number_parameters                     ? 
_refine.ls_number_restraints                     ? 
_refine.occupancy_min                            ? 
_refine.occupancy_max                            ? 
_refine.B_iso_mean                               ? 
_refine.aniso_B[1][1]                            ? 
_refine.aniso_B[2][2]                            ? 
_refine.aniso_B[3][3]                            ? 
_refine.aniso_B[1][2]                            ? 
_refine.aniso_B[1][3]                            ? 
_refine.aniso_B[2][3]                            ? 
_refine.solvent_model_details                    ? 
_refine.solvent_model_param_ksol                 ? 
_refine.solvent_model_param_bsol                 ? 
_refine.pdbx_ls_cross_valid_method               ? 
_refine.details                                  ? 
_refine.pdbx_starting_model                      ? 
_refine.pdbx_method_to_determine_struct          ? 
_refine.pdbx_isotropic_thermal_model             ? 
_refine.pdbx_stereochemistry_target_values       ? 
_refine.pdbx_stereochem_target_val_spec_case     ? 
_refine.pdbx_R_Free_selection_details            ? 
_refine.pdbx_overall_ESU_R                       ? 
_refine.pdbx_overall_ESU_R_Free                  ? 
_refine.overall_SU_ML                            ? 
_refine.overall_SU_B                             ? 
_refine.pdbx_refine_id                           'X-RAY DIFFRACTION' 
_refine.pdbx_diffrn_id                           1 
_refine.pdbx_TLS_residual_ADP_flag               ? 
_refine.correlation_coeff_Fo_to_Fc               ? 
_refine.correlation_coeff_Fo_to_Fc_free          ? 
_refine.pdbx_solvent_vdw_probe_radii             ? 
_refine.pdbx_solvent_ion_probe_radii             ? 
_refine.pdbx_solvent_shrinkage_radii             ? 
_refine.pdbx_overall_phase_error                 ? 
_refine.overall_SU_R_Cruickshank_DPI             ? 
_refine.pdbx_overall_SU_R_free_Cruickshank_DPI   ? 
_refine.pdbx_overall_SU_R_Blow_DPI               ? 
_refine.pdbx_overall_SU_R_free_Blow_DPI          ? 
# 
_refine_hist.pdbx_refine_id                   'X-RAY DIFFRACTION' 
_refine_hist.cycle_id                         LAST 
_refine_hist.pdbx_number_atoms_protein        0 
_refine_hist.pdbx_number_atoms_nucleic_acid   486 
_refine_hist.pdbx_number_atoms_ligand         30 
_refine_hist.number_atoms_solvent             77 
_refine_hist.number_atoms_total               593 
_refine_hist.d_res_high                       2.200 
_refine_hist.d_res_low                        8.000 
# 
loop_
_refine_ls_restr.type 
_refine_ls_restr.dev_ideal 
_refine_ls_restr.dev_ideal_target 
_refine_ls_restr.weight 
_refine_ls_restr.number 
_refine_ls_restr.pdbx_refine_id 
_refine_ls_restr.pdbx_restraint_function 
x_bond_d                0.010 ? ? ? 'X-RAY DIFFRACTION' ? 
x_bond_d_na             ?     ? ? ? 'X-RAY DIFFRACTION' ? 
x_bond_d_prot           ?     ? ? ? 'X-RAY DIFFRACTION' ? 
x_angle_d               ?     ? ? ? 'X-RAY DIFFRACTION' ? 
x_angle_d_na            ?     ? ? ? 'X-RAY DIFFRACTION' ? 
x_angle_d_prot          ?     ? ? ? 'X-RAY DIFFRACTION' ? 
x_angle_deg             1.46  ? ? ? 'X-RAY DIFFRACTION' ? 
x_angle_deg_na          ?     ? ? ? 'X-RAY DIFFRACTION' ? 
x_angle_deg_prot        ?     ? ? ? 'X-RAY DIFFRACTION' ? 
x_dihedral_angle_d      ?     ? ? ? 'X-RAY DIFFRACTION' ? 
x_dihedral_angle_d_na   ?     ? ? ? 'X-RAY DIFFRACTION' ? 
x_dihedral_angle_d_prot ?     ? ? ? 'X-RAY DIFFRACTION' ? 
x_improper_angle_d      ?     ? ? ? 'X-RAY DIFFRACTION' ? 
x_improper_angle_d_na   ?     ? ? ? 'X-RAY DIFFRACTION' ? 
x_improper_angle_d_prot ?     ? ? ? 'X-RAY DIFFRACTION' ? 
x_mcbond_it             ?     ? ? ? 'X-RAY DIFFRACTION' ? 
x_mcangle_it            ?     ? ? ? 'X-RAY DIFFRACTION' ? 
x_scbond_it             ?     ? ? ? 'X-RAY DIFFRACTION' ? 
x_scangle_it            ?     ? ? ? 'X-RAY DIFFRACTION' ? 
# 
_struct.entry_id                  311D 
_struct.title                     
;THE ROLE OF HYDROGEN BONDING IN MINOR-GROOVE DRUG-DNA RECOGNITION. STRUCTURE OF A BIS-AMIDINIUM DERIVATIVE OF HOECHST 33258 COMPLEXED TO THE DODECANUCLEOTIDE D(CGCGAATTCGCG)2
;
_struct.pdbx_model_details        ? 
_struct.pdbx_CASP_flag            ? 
_struct.pdbx_model_type_details   ? 
# 
_struct_keywords.entry_id        311D 
_struct_keywords.pdbx_keywords   DNA 
_struct_keywords.text            'B-DNA, DOUBLE HELIX, COMPLEXED WITH DRUG, DNA' 
# 
loop_
_struct_asym.id 
_struct_asym.pdbx_blank_PDB_chainid_flag 
_struct_asym.pdbx_modified 
_struct_asym.entity_id 
_struct_asym.details 
A N N 1 ? 
B N N 1 ? 
C N N 2 ? 
D N N 3 ? 
E N N 3 ? 
# 
_struct_ref.id                         1 
_struct_ref.entity_id                  1 
_struct_ref.db_name                    PDB 
_struct_ref.db_code                    311D 
_struct_ref.pdbx_db_accession          311D 
_struct_ref.pdbx_db_isoform            ? 
_struct_ref.pdbx_seq_one_letter_code   ? 
_struct_ref.pdbx_align_begin           ? 
# 
loop_
_struct_ref_seq.align_id 
_struct_ref_seq.ref_id 
_struct_ref_seq.pdbx_PDB_id_code 
_struct_ref_seq.pdbx_strand_id 
_struct_ref_seq.seq_align_beg 
_struct_ref_seq.pdbx_seq_align_beg_ins_code 
_struct_ref_seq.seq_align_end 
_struct_ref_seq.pdbx_seq_align_end_ins_code 
_struct_ref_seq.pdbx_db_accession 
_struct_ref_seq.db_align_beg 
_struct_ref_seq.pdbx_db_align_beg_ins_code 
_struct_ref_seq.db_align_end 
_struct_ref_seq.pdbx_db_align_end_ins_code 
_struct_ref_seq.pdbx_auth_seq_align_beg 
_struct_ref_seq.pdbx_auth_seq_align_end 
1 1 311D A 1 ? 12 ? 311D 1  ? 12 ? 1  12 
2 1 311D B 1 ? 12 ? 311D 13 ? 24 ? 13 24 
# 
_pdbx_struct_assembly.id                   1 
_pdbx_struct_assembly.details              author_defined_assembly 
_pdbx_struct_assembly.method_details       ? 
_pdbx_struct_assembly.oligomeric_details   dimeric 
_pdbx_struct_assembly.oligomeric_count     2 
# 
_pdbx_struct_assembly_gen.assembly_id       1 
_pdbx_struct_assembly_gen.oper_expression   1 
_pdbx_struct_assembly_gen.asym_id_list      A,B,C,D,E 
# 
_pdbx_struct_oper_list.id                   1 
_pdbx_struct_oper_list.type                 'identity operation' 
_pdbx_struct_oper_list.name                 1_555 
_pdbx_struct_oper_list.symmetry_operation   x,y,z 
_pdbx_struct_oper_list.matrix[1][1]         1.0000000000 
_pdbx_struct_oper_list.matrix[1][2]         0.0000000000 
_pdbx_struct_oper_list.matrix[1][3]         0.0000000000 
_pdbx_struct_oper_list.vector[1]            0.0000000000 
_pdbx_struct_oper_list.matrix[2][1]         0.0000000000 
_pdbx_struct_oper_list.matrix[2][2]         1.0000000000 
_pdbx_struct_oper_list.matrix[2][3]         0.0000000000 
_pdbx_struct_oper_list.vector[2]            0.0000000000 
_pdbx_struct_oper_list.matrix[3][1]         0.0000000000 
_pdbx_struct_oper_list.matrix[3][2]         0.0000000000 
_pdbx_struct_oper_list.matrix[3][3]         1.0000000000 
_pdbx_struct_oper_list.vector[3]            0.0000000000 
# 
_struct_biol.id   1 
# 
loop_
_struct_conn.id 
_struct_conn.conn_type_id 
_struct_conn.pdbx_leaving_atom_flag 
_struct_conn.pdbx_PDB_id 
_struct_conn.ptnr1_label_asym_id 
_struct_conn.ptnr1_label_comp_id 
_struct_conn.ptnr1_label_seq_id 
_struct_conn.ptnr1_label_atom_id 
_struct_conn.pdbx_ptnr1_label_alt_id 
_struct_conn.pdbx_ptnr1_PDB_ins_code 
_struct_conn.pdbx_ptnr1_standard_comp_id 
_struct_conn.ptnr1_symmetry 
_struct_conn.ptnr2_label_asym_id 
_struct_conn.ptnr2_label_comp_id 
_struct_conn.ptnr2_label_seq_id 
_struct_conn.ptnr2_label_atom_id 
_struct_conn.pdbx_ptnr2_label_alt_id 
_struct_conn.pdbx_ptnr2_PDB_ins_code 
_struct_conn.ptnr1_auth_asym_id 
_struct_conn.ptnr1_auth_comp_id 
_struct_conn.ptnr1_auth_seq_id 
_struct_conn.ptnr2_auth_asym_id 
_struct_conn.ptnr2_auth_comp_id 
_struct_conn.ptnr2_auth_seq_id 
_struct_conn.ptnr2_symmetry 
_struct_conn.pdbx_ptnr3_label_atom_id 
_struct_conn.pdbx_ptnr3_label_seq_id 
_struct_conn.pdbx_ptnr3_label_comp_id 
_struct_conn.pdbx_ptnr3_label_asym_id 
_struct_conn.pdbx_ptnr3_label_alt_id 
_struct_conn.pdbx_ptnr3_PDB_ins_code 
_struct_conn.details 
_struct_conn.pdbx_dist_value 
_struct_conn.pdbx_value_order 
_struct_conn.pdbx_role 
hydrog1  hydrog ? ? A DC 1  N3 ? ? ? 1_555 B DG 12 N1 ? ? A DC 1  B DG 24 1_555 ? ? ? ? ? ? WATSON-CRICK ? ? ? 
hydrog2  hydrog ? ? A DC 1  N4 ? ? ? 1_555 B DG 12 O6 ? ? A DC 1  B DG 24 1_555 ? ? ? ? ? ? WATSON-CRICK ? ? ? 
hydrog3  hydrog ? ? A DC 1  O2 ? ? ? 1_555 B DG 12 N2 ? ? A DC 1  B DG 24 1_555 ? ? ? ? ? ? WATSON-CRICK ? ? ? 
hydrog4  hydrog ? ? A DG 2  N1 ? ? ? 1_555 B DC 11 N3 ? ? A DG 2  B DC 23 1_555 ? ? ? ? ? ? WATSON-CRICK ? ? ? 
hydrog5  hydrog ? ? A DG 2  N2 ? ? ? 1_555 B DC 11 O2 ? ? A DG 2  B DC 23 1_555 ? ? ? ? ? ? WATSON-CRICK ? ? ? 
hydrog6  hydrog ? ? A DG 2  O6 ? ? ? 1_555 B DC 11 N4 ? ? A DG 2  B DC 23 1_555 ? ? ? ? ? ? WATSON-CRICK ? ? ? 
hydrog7  hydrog ? ? A DC 3  N3 ? ? ? 1_555 B DG 10 N1 ? ? A DC 3  B DG 22 1_555 ? ? ? ? ? ? WATSON-CRICK ? ? ? 
hydrog8  hydrog ? ? A DC 3  N4 ? ? ? 1_555 B DG 10 O6 ? ? A DC 3  B DG 22 1_555 ? ? ? ? ? ? WATSON-CRICK ? ? ? 
hydrog9  hydrog ? ? A DC 3  O2 ? ? ? 1_555 B DG 10 N2 ? ? A DC 3  B DG 22 1_555 ? ? ? ? ? ? WATSON-CRICK ? ? ? 
hydrog10 hydrog ? ? A DG 4  N1 ? ? ? 1_555 B DC 9  N3 ? ? A DG 4  B DC 21 1_555 ? ? ? ? ? ? WATSON-CRICK ? ? ? 
hydrog11 hydrog ? ? A DG 4  N2 ? ? ? 1_555 B DC 9  O2 ? ? A DG 4  B DC 21 1_555 ? ? ? ? ? ? WATSON-CRICK ? ? ? 
hydrog12 hydrog ? ? A DG 4  O6 ? ? ? 1_555 B DC 9  N4 ? ? A DG 4  B DC 21 1_555 ? ? ? ? ? ? WATSON-CRICK ? ? ? 
hydrog13 hydrog ? ? A DA 5  N1 ? ? ? 1_555 B DT 8  N3 ? ? A DA 5  B DT 20 1_555 ? ? ? ? ? ? WATSON-CRICK ? ? ? 
hydrog14 hydrog ? ? A DA 5  N6 ? ? ? 1_555 B DT 8  O4 ? ? A DA 5  B DT 20 1_555 ? ? ? ? ? ? WATSON-CRICK ? ? ? 
hydrog15 hydrog ? ? A DA 6  N1 ? ? ? 1_555 B DT 7  N3 ? ? A DA 6  B DT 19 1_555 ? ? ? ? ? ? WATSON-CRICK ? ? ? 
hydrog16 hydrog ? ? A DA 6  N6 ? ? ? 1_555 B DT 7  O4 ? ? A DA 6  B DT 19 1_555 ? ? ? ? ? ? WATSON-CRICK ? ? ? 
hydrog17 hydrog ? ? A DT 7  N3 ? ? ? 1_555 B DA 6  N1 ? ? A DT 7  B DA 18 1_555 ? ? ? ? ? ? 'DT-DA PAIR' ? ? ? 
hydrog18 hydrog ? ? A DT 8  N3 ? ? ? 1_555 B DA 5  N1 ? ? A DT 8  B DA 17 1_555 ? ? ? ? ? ? WATSON-CRICK ? ? ? 
hydrog19 hydrog ? ? A DT 8  O4 ? ? ? 1_555 B DA 5  N6 ? ? A DT 8  B DA 17 1_555 ? ? ? ? ? ? WATSON-CRICK ? ? ? 
hydrog20 hydrog ? ? A DC 9  N3 ? ? ? 1_555 B DG 4  N1 ? ? A DC 9  B DG 16 1_555 ? ? ? ? ? ? WATSON-CRICK ? ? ? 
hydrog21 hydrog ? ? A DC 9  N4 ? ? ? 1_555 B DG 4  O6 ? ? A DC 9  B DG 16 1_555 ? ? ? ? ? ? WATSON-CRICK ? ? ? 
hydrog22 hydrog ? ? A DC 9  O2 ? ? ? 1_555 B DG 4  N2 ? ? A DC 9  B DG 16 1_555 ? ? ? ? ? ? WATSON-CRICK ? ? ? 
hydrog23 hydrog ? ? A DG 10 N1 ? ? ? 1_555 B DC 3  N3 ? ? A DG 10 B DC 15 1_555 ? ? ? ? ? ? WATSON-CRICK ? ? ? 
hydrog24 hydrog ? ? A DG 10 N2 ? ? ? 1_555 B DC 3  O2 ? ? A DG 10 B DC 15 1_555 ? ? ? ? ? ? WATSON-CRICK ? ? ? 
hydrog25 hydrog ? ? A DG 10 O6 ? ? ? 1_555 B DC 3  N4 ? ? A DG 10 B DC 15 1_555 ? ? ? ? ? ? WATSON-CRICK ? ? ? 
hydrog26 hydrog ? ? A DC 11 N3 ? ? ? 1_555 B DG 2  N1 ? ? A DC 11 B DG 14 1_555 ? ? ? ? ? ? WATSON-CRICK ? ? ? 
hydrog27 hydrog ? ? A DC 11 N4 ? ? ? 1_555 B DG 2  O6 ? ? A DC 11 B DG 14 1_555 ? ? ? ? ? ? WATSON-CRICK ? ? ? 
hydrog28 hydrog ? ? A DC 11 O2 ? ? ? 1_555 B DG 2  N2 ? ? A DC 11 B DG 14 1_555 ? ? ? ? ? ? WATSON-CRICK ? ? ? 
hydrog29 hydrog ? ? A DG 12 N1 ? ? ? 1_555 B DC 1  N3 ? ? A DG 12 B DC 13 1_555 ? ? ? ? ? ? WATSON-CRICK ? ? ? 
hydrog30 hydrog ? ? A DG 12 N2 ? ? ? 1_555 B DC 1  O2 ? ? A DG 12 B DC 13 1_555 ? ? ? ? ? ? WATSON-CRICK ? ? ? 
hydrog31 hydrog ? ? A DG 12 O6 ? ? ? 1_555 B DC 1  N4 ? ? A DG 12 B DC 13 1_555 ? ? ? ? ? ? WATSON-CRICK ? ? ? 
# 
_struct_conn_type.id          hydrog 
_struct_conn_type.criteria    ? 
_struct_conn_type.reference   ? 
# 
loop_
_struct_site.id 
_struct_site.pdbx_evidence_code 
_struct_site.pdbx_auth_asym_id 
_struct_site.pdbx_auth_comp_id 
_struct_site.pdbx_auth_seq_id 
_struct_site.pdbx_auth_ins_code 
_struct_site.pdbx_num_residues 
_struct_site.details 
AC1                 Software B HT2 25 ? 13 'BINDING SITE FOR RESIDUE HT2 B 25' 
'DRUG BINDING SITE' ?        ? ?   ?  ? ?  ?                                   
# 
loop_
_struct_site_gen.id 
_struct_site_gen.site_id 
_struct_site_gen.pdbx_num_res 
_struct_site_gen.label_comp_id 
_struct_site_gen.label_asym_id 
_struct_site_gen.label_seq_id 
_struct_site_gen.pdbx_auth_ins_code 
_struct_site_gen.auth_comp_id 
_struct_site_gen.auth_asym_id 
_struct_site_gen.auth_seq_id 
_struct_site_gen.label_atom_id 
_struct_site_gen.label_alt_id 
_struct_site_gen.symmetry 
_struct_site_gen.details 
1  AC1 13 DA  A 6  ? DA  A 6  . ? 1_555 ? 
2  AC1 13 DT  A 7  ? DT  A 7  . ? 1_555 ? 
3  AC1 13 DT  A 8  ? DT  A 8  . ? 1_555 ? 
4  AC1 13 DC  A 9  ? DC  A 9  . ? 1_555 ? 
5  AC1 13 DG  A 10 ? DG  A 10 . ? 1_555 ? 
6  AC1 13 DA  B 5  ? DA  B 17 . ? 1_555 ? 
7  AC1 13 DA  B 6  ? DA  B 18 . ? 1_555 ? 
8  AC1 13 DT  B 7  ? DT  B 19 . ? 1_555 ? 
9  AC1 13 DT  B 8  ? DT  B 20 . ? 1_555 ? 
10 AC1 13 DC  B 9  ? DC  B 21 . ? 1_555 ? 
11 AC1 13 HOH E .  ? HOH B 33 . ? 1_555 ? 
12 AC1 13 HOH E .  ? HOH B 40 . ? 1_555 ? 
13 AC1 13 HOH E .  ? HOH B 46 . ? 1_555 ? 
# 
_struct_site_keywords.site_id   'DRUG BINDING SITE' 
_struct_site_keywords.text      'MINOR GROOVE BINDER' 
# 
loop_
_refine_B_iso.class 
_refine_B_iso.details 
_refine_B_iso.treatment 
_refine_B_iso.pdbx_refine_id 
'ALL ATOMS'  TR isotropic 'X-RAY DIFFRACTION' 
'ALL WATERS' TR isotropic 'X-RAY DIFFRACTION' 
# 
loop_
_refine_occupancy.class 
_refine_occupancy.treatment 
_refine_occupancy.pdbx_refine_id 
'ALL ATOMS'  fix 'X-RAY DIFFRACTION' 
'ALL WATERS' fix 'X-RAY DIFFRACTION' 
# 
loop_
_chem_comp_atom.comp_id 
_chem_comp_atom.atom_id 
_chem_comp_atom.type_symbol 
_chem_comp_atom.pdbx_aromatic_flag 
_chem_comp_atom.pdbx_stereo_config 
_chem_comp_atom.pdbx_ordinal 
DA  OP3    O N N 1   
DA  P      P N N 2   
DA  OP1    O N N 3   
DA  OP2    O N N 4   
DA  "O5'"  O N N 5   
DA  "C5'"  C N N 6   
DA  "C4'"  C N R 7   
DA  "O4'"  O N N 8   
DA  "C3'"  C N S 9   
DA  "O3'"  O N N 10  
DA  "C2'"  C N N 11  
DA  "C1'"  C N R 12  
DA  N9     N Y N 13  
DA  C8     C Y N 14  
DA  N7     N Y N 15  
DA  C5     C Y N 16  
DA  C6     C Y N 17  
DA  N6     N N N 18  
DA  N1     N Y N 19  
DA  C2     C Y N 20  
DA  N3     N Y N 21  
DA  C4     C Y N 22  
DA  HOP3   H N N 23  
DA  HOP2   H N N 24  
DA  "H5'"  H N N 25  
DA  "H5''" H N N 26  
DA  "H4'"  H N N 27  
DA  "H3'"  H N N 28  
DA  "HO3'" H N N 29  
DA  "H2'"  H N N 30  
DA  "H2''" H N N 31  
DA  "H1'"  H N N 32  
DA  H8     H N N 33  
DA  H61    H N N 34  
DA  H62    H N N 35  
DA  H2     H N N 36  
DC  OP3    O N N 37  
DC  P      P N N 38  
DC  OP1    O N N 39  
DC  OP2    O N N 40  
DC  "O5'"  O N N 41  
DC  "C5'"  C N N 42  
DC  "C4'"  C N R 43  
DC  "O4'"  O N N 44  
DC  "C3'"  C N S 45  
DC  "O3'"  O N N 46  
DC  "C2'"  C N N 47  
DC  "C1'"  C N R 48  
DC  N1     N N N 49  
DC  C2     C N N 50  
DC  O2     O N N 51  
DC  N3     N N N 52  
DC  C4     C N N 53  
DC  N4     N N N 54  
DC  C5     C N N 55  
DC  C6     C N N 56  
DC  HOP3   H N N 57  
DC  HOP2   H N N 58  
DC  "H5'"  H N N 59  
DC  "H5''" H N N 60  
DC  "H4'"  H N N 61  
DC  "H3'"  H N N 62  
DC  "HO3'" H N N 63  
DC  "H2'"  H N N 64  
DC  "H2''" H N N 65  
DC  "H1'"  H N N 66  
DC  H41    H N N 67  
DC  H42    H N N 68  
DC  H5     H N N 69  
DC  H6     H N N 70  
DG  OP3    O N N 71  
DG  P      P N N 72  
DG  OP1    O N N 73  
DG  OP2    O N N 74  
DG  "O5'"  O N N 75  
DG  "C5'"  C N N 76  
DG  "C4'"  C N R 77  
DG  "O4'"  O N N 78  
DG  "C3'"  C N S 79  
DG  "O3'"  O N N 80  
DG  "C2'"  C N N 81  
DG  "C1'"  C N R 82  
DG  N9     N Y N 83  
DG  C8     C Y N 84  
DG  N7     N Y N 85  
DG  C5     C Y N 86  
DG  C6     C N N 87  
DG  O6     O N N 88  
DG  N1     N N N 89  
DG  C2     C N N 90  
DG  N2     N N N 91  
DG  N3     N N N 92  
DG  C4     C Y N 93  
DG  HOP3   H N N 94  
DG  HOP2   H N N 95  
DG  "H5'"  H N N 96  
DG  "H5''" H N N 97  
DG  "H4'"  H N N 98  
DG  "H3'"  H N N 99  
DG  "HO3'" H N N 100 
DG  "H2'"  H N N 101 
DG  "H2''" H N N 102 
DG  "H1'"  H N N 103 
DG  H8     H N N 104 
DG  H1     H N N 105 
DG  H21    H N N 106 
DG  H22    H N N 107 
DT  OP3    O N N 108 
DT  P      P N N 109 
DT  OP1    O N N 110 
DT  OP2    O N N 111 
DT  "O5'"  O N N 112 
DT  "C5'"  C N N 113 
DT  "C4'"  C N R 114 
DT  "O4'"  O N N 115 
DT  "C3'"  C N S 116 
DT  "O3'"  O N N 117 
DT  "C2'"  C N N 118 
DT  "C1'"  C N R 119 
DT  N1     N N N 120 
DT  C2     C N N 121 
DT  O2     O N N 122 
DT  N3     N N N 123 
DT  C4     C N N 124 
DT  O4     O N N 125 
DT  C5     C N N 126 
DT  C7     C N N 127 
DT  C6     C N N 128 
DT  HOP3   H N N 129 
DT  HOP2   H N N 130 
DT  "H5'"  H N N 131 
DT  "H5''" H N N 132 
DT  "H4'"  H N N 133 
DT  "H3'"  H N N 134 
DT  "HO3'" H N N 135 
DT  "H2'"  H N N 136 
DT  "H2''" H N N 137 
DT  "H1'"  H N N 138 
DT  H3     H N N 139 
DT  H71    H N N 140 
DT  H72    H N N 141 
DT  H73    H N N 142 
DT  H6     H N N 143 
HOH O      O N N 144 
HOH H1     H N N 145 
HOH H2     H N N 146 
HT2 N1     N N N 147 
HT2 N2     N N N 148 
HT2 C1     C N N 149 
HT2 C2     C Y N 150 
HT2 C3     C Y N 151 
HT2 C4     C Y N 152 
HT2 C5     C Y N 153 
HT2 C6     C Y N 154 
HT2 C7     C Y N 155 
HT2 N3     N Y N 156 
HT2 C8     C Y N 157 
HT2 N4     N Y N 158 
HT2 C9     C Y N 159 
HT2 C10    C Y N 160 
HT2 C11    C Y N 161 
HT2 C12    C Y N 162 
HT2 C13    C Y N 163 
HT2 C14    C Y N 164 
HT2 N5     N Y N 165 
HT2 C15    C Y N 166 
HT2 N6     N Y N 167 
HT2 C16    C Y N 168 
HT2 C17    C Y N 169 
HT2 C18    C Y N 170 
HT2 C19    C Y N 171 
HT2 C20    C Y N 172 
HT2 C21    C Y N 173 
HT2 C22    C N N 174 
HT2 N7     N N N 175 
HT2 N8     N N N 176 
HT2 HN11   H N N 177 
HT2 HN12   H N N 178 
HT2 HN2    H N N 179 
HT2 H3     H N N 180 
HT2 H6     H N N 181 
HT2 H7     H N N 182 
HT2 HN3    H N N 183 
HT2 H10    H N N 184 
HT2 H13    H N N 185 
HT2 H14    H N N 186 
HT2 HN5    H N N 187 
HT2 H17    H N N 188 
HT2 H18    H N N 189 
HT2 H20    H N N 190 
HT2 H21    H N N 191 
HT2 HN71   H N N 192 
HT2 HN72   H N N 193 
HT2 HN8    H N N 194 
# 
loop_
_chem_comp_bond.comp_id 
_chem_comp_bond.atom_id_1 
_chem_comp_bond.atom_id_2 
_chem_comp_bond.value_order 
_chem_comp_bond.pdbx_aromatic_flag 
_chem_comp_bond.pdbx_stereo_config 
_chem_comp_bond.pdbx_ordinal 
DA  OP3   P      sing N N 1   
DA  OP3   HOP3   sing N N 2   
DA  P     OP1    doub N N 3   
DA  P     OP2    sing N N 4   
DA  P     "O5'"  sing N N 5   
DA  OP2   HOP2   sing N N 6   
DA  "O5'" "C5'"  sing N N 7   
DA  "C5'" "C4'"  sing N N 8   
DA  "C5'" "H5'"  sing N N 9   
DA  "C5'" "H5''" sing N N 10  
DA  "C4'" "O4'"  sing N N 11  
DA  "C4'" "C3'"  sing N N 12  
DA  "C4'" "H4'"  sing N N 13  
DA  "O4'" "C1'"  sing N N 14  
DA  "C3'" "O3'"  sing N N 15  
DA  "C3'" "C2'"  sing N N 16  
DA  "C3'" "H3'"  sing N N 17  
DA  "O3'" "HO3'" sing N N 18  
DA  "C2'" "C1'"  sing N N 19  
DA  "C2'" "H2'"  sing N N 20  
DA  "C2'" "H2''" sing N N 21  
DA  "C1'" N9     sing N N 22  
DA  "C1'" "H1'"  sing N N 23  
DA  N9    C8     sing Y N 24  
DA  N9    C4     sing Y N 25  
DA  C8    N7     doub Y N 26  
DA  C8    H8     sing N N 27  
DA  N7    C5     sing Y N 28  
DA  C5    C6     sing Y N 29  
DA  C5    C4     doub Y N 30  
DA  C6    N6     sing N N 31  
DA  C6    N1     doub Y N 32  
DA  N6    H61    sing N N 33  
DA  N6    H62    sing N N 34  
DA  N1    C2     sing Y N 35  
DA  C2    N3     doub Y N 36  
DA  C2    H2     sing N N 37  
DA  N3    C4     sing Y N 38  
DC  OP3   P      sing N N 39  
DC  OP3   HOP3   sing N N 40  
DC  P     OP1    doub N N 41  
DC  P     OP2    sing N N 42  
DC  P     "O5'"  sing N N 43  
DC  OP2   HOP2   sing N N 44  
DC  "O5'" "C5'"  sing N N 45  
DC  "C5'" "C4'"  sing N N 46  
DC  "C5'" "H5'"  sing N N 47  
DC  "C5'" "H5''" sing N N 48  
DC  "C4'" "O4'"  sing N N 49  
DC  "C4'" "C3'"  sing N N 50  
DC  "C4'" "H4'"  sing N N 51  
DC  "O4'" "C1'"  sing N N 52  
DC  "C3'" "O3'"  sing N N 53  
DC  "C3'" "C2'"  sing N N 54  
DC  "C3'" "H3'"  sing N N 55  
DC  "O3'" "HO3'" sing N N 56  
DC  "C2'" "C1'"  sing N N 57  
DC  "C2'" "H2'"  sing N N 58  
DC  "C2'" "H2''" sing N N 59  
DC  "C1'" N1     sing N N 60  
DC  "C1'" "H1'"  sing N N 61  
DC  N1    C2     sing N N 62  
DC  N1    C6     sing N N 63  
DC  C2    O2     doub N N 64  
DC  C2    N3     sing N N 65  
DC  N3    C4     doub N N 66  
DC  C4    N4     sing N N 67  
DC  C4    C5     sing N N 68  
DC  N4    H41    sing N N 69  
DC  N4    H42    sing N N 70  
DC  C5    C6     doub N N 71  
DC  C5    H5     sing N N 72  
DC  C6    H6     sing N N 73  
DG  OP3   P      sing N N 74  
DG  OP3   HOP3   sing N N 75  
DG  P     OP1    doub N N 76  
DG  P     OP2    sing N N 77  
DG  P     "O5'"  sing N N 78  
DG  OP2   HOP2   sing N N 79  
DG  "O5'" "C5'"  sing N N 80  
DG  "C5'" "C4'"  sing N N 81  
DG  "C5'" "H5'"  sing N N 82  
DG  "C5'" "H5''" sing N N 83  
DG  "C4'" "O4'"  sing N N 84  
DG  "C4'" "C3'"  sing N N 85  
DG  "C4'" "H4'"  sing N N 86  
DG  "O4'" "C1'"  sing N N 87  
DG  "C3'" "O3'"  sing N N 88  
DG  "C3'" "C2'"  sing N N 89  
DG  "C3'" "H3'"  sing N N 90  
DG  "O3'" "HO3'" sing N N 91  
DG  "C2'" "C1'"  sing N N 92  
DG  "C2'" "H2'"  sing N N 93  
DG  "C2'" "H2''" sing N N 94  
DG  "C1'" N9     sing N N 95  
DG  "C1'" "H1'"  sing N N 96  
DG  N9    C8     sing Y N 97  
DG  N9    C4     sing Y N 98  
DG  C8    N7     doub Y N 99  
DG  C8    H8     sing N N 100 
DG  N7    C5     sing Y N 101 
DG  C5    C6     sing N N 102 
DG  C5    C4     doub Y N 103 
DG  C6    O6     doub N N 104 
DG  C6    N1     sing N N 105 
DG  N1    C2     sing N N 106 
DG  N1    H1     sing N N 107 
DG  C2    N2     sing N N 108 
DG  C2    N3     doub N N 109 
DG  N2    H21    sing N N 110 
DG  N2    H22    sing N N 111 
DG  N3    C4     sing N N 112 
DT  OP3   P      sing N N 113 
DT  OP3   HOP3   sing N N 114 
DT  P     OP1    doub N N 115 
DT  P     OP2    sing N N 116 
DT  P     "O5'"  sing N N 117 
DT  OP2   HOP2   sing N N 118 
DT  "O5'" "C5'"  sing N N 119 
DT  "C5'" "C4'"  sing N N 120 
DT  "C5'" "H5'"  sing N N 121 
DT  "C5'" "H5''" sing N N 122 
DT  "C4'" "O4'"  sing N N 123 
DT  "C4'" "C3'"  sing N N 124 
DT  "C4'" "H4'"  sing N N 125 
DT  "O4'" "C1'"  sing N N 126 
DT  "C3'" "O3'"  sing N N 127 
DT  "C3'" "C2'"  sing N N 128 
DT  "C3'" "H3'"  sing N N 129 
DT  "O3'" "HO3'" sing N N 130 
DT  "C2'" "C1'"  sing N N 131 
DT  "C2'" "H2'"  sing N N 132 
DT  "C2'" "H2''" sing N N 133 
DT  "C1'" N1     sing N N 134 
DT  "C1'" "H1'"  sing N N 135 
DT  N1    C2     sing N N 136 
DT  N1    C6     sing N N 137 
DT  C2    O2     doub N N 138 
DT  C2    N3     sing N N 139 
DT  N3    C4     sing N N 140 
DT  N3    H3     sing N N 141 
DT  C4    O4     doub N N 142 
DT  C4    C5     sing N N 143 
DT  C5    C7     sing N N 144 
DT  C5    C6     doub N N 145 
DT  C7    H71    sing N N 146 
DT  C7    H72    sing N N 147 
DT  C7    H73    sing N N 148 
DT  C6    H6     sing N N 149 
HOH O     H1     sing N N 150 
HOH O     H2     sing N N 151 
HT2 N1    C1     sing N N 152 
HT2 N1    HN11   sing N N 153 
HT2 N1    HN12   sing N N 154 
HT2 N2    C1     doub N N 155 
HT2 N2    HN2    sing N N 156 
HT2 C1    C2     sing N N 157 
HT2 C2    C3     doub Y N 158 
HT2 C2    C7     sing Y N 159 
HT2 C3    C4     sing Y N 160 
HT2 C3    H3     sing N N 161 
HT2 C4    C5     doub Y N 162 
HT2 C4    N3     sing Y N 163 
HT2 C5    C6     sing Y N 164 
HT2 C5    N4     sing Y N 165 
HT2 C6    C7     doub Y N 166 
HT2 C6    H6     sing N N 167 
HT2 C7    H7     sing N N 168 
HT2 N3    C8     sing Y N 169 
HT2 N3    HN3    sing N N 170 
HT2 C8    N4     doub Y N 171 
HT2 C8    C9     sing Y N 172 
HT2 C9    C10    doub Y N 173 
HT2 C9    C14    sing Y N 174 
HT2 C10   C11    sing Y N 175 
HT2 C10   H10    sing N N 176 
HT2 C11   C12    doub Y N 177 
HT2 C11   N5     sing Y N 178 
HT2 C12   C13    sing Y N 179 
HT2 C12   N6     sing Y N 180 
HT2 C13   C14    doub Y N 181 
HT2 C13   H13    sing N N 182 
HT2 C14   H14    sing N N 183 
HT2 N5    C15    sing Y N 184 
HT2 N5    HN5    sing N N 185 
HT2 C15   N6     doub Y N 186 
HT2 C15   C16    sing Y N 187 
HT2 C16   C17    sing Y N 188 
HT2 C16   C21    doub Y N 189 
HT2 C17   C18    doub Y N 190 
HT2 C17   H17    sing N N 191 
HT2 C18   C19    sing Y N 192 
HT2 C18   H18    sing N N 193 
HT2 C19   C20    doub Y N 194 
HT2 C19   C22    sing N N 195 
HT2 C20   C21    sing Y N 196 
HT2 C20   H20    sing N N 197 
HT2 C21   H21    sing N N 198 
HT2 C22   N7     sing N N 199 
HT2 C22   N8     doub N N 200 
HT2 N7    HN71   sing N N 201 
HT2 N7    HN72   sing N N 202 
HT2 N8    HN8    sing N N 203 
# 
_ndb_struct_conf_na.entry_id   311D 
_ndb_struct_conf_na.feature    'b-form double helix' 
# 
loop_
_ndb_struct_na_base_pair.model_number 
_ndb_struct_na_base_pair.i_label_asym_id 
_ndb_struct_na_base_pair.i_label_comp_id 
_ndb_struct_na_base_pair.i_label_seq_id 
_ndb_struct_na_base_pair.i_symmetry 
_ndb_struct_na_base_pair.j_label_asym_id 
_ndb_struct_na_base_pair.j_label_comp_id 
_ndb_struct_na_base_pair.j_label_seq_id 
_ndb_struct_na_base_pair.j_symmetry 
_ndb_struct_na_base_pair.shear 
_ndb_struct_na_base_pair.stretch 
_ndb_struct_na_base_pair.stagger 
_ndb_struct_na_base_pair.buckle 
_ndb_struct_na_base_pair.propeller 
_ndb_struct_na_base_pair.opening 
_ndb_struct_na_base_pair.pair_number 
_ndb_struct_na_base_pair.pair_name 
_ndb_struct_na_base_pair.i_auth_asym_id 
_ndb_struct_na_base_pair.i_auth_seq_id 
_ndb_struct_na_base_pair.i_PDB_ins_code 
_ndb_struct_na_base_pair.j_auth_asym_id 
_ndb_struct_na_base_pair.j_auth_seq_id 
_ndb_struct_na_base_pair.j_PDB_ins_code 
_ndb_struct_na_base_pair.hbond_type_28 
_ndb_struct_na_base_pair.hbond_type_12 
1 A DC 1  1_555 B DG 12 1_555 0.205  -0.094 -0.477 8.676  -9.599  -0.800 1  A_DC1:DG24_B  A 1  ? B 24 ? 19 1 
1 A DG 2  1_555 B DC 11 1_555 -0.774 -0.267 0.188  -2.310 -14.337 0.146  2  A_DG2:DC23_B  A 2  ? B 23 ? 19 1 
1 A DC 3  1_555 B DG 10 1_555 -0.254 -0.118 -0.068 0.402  -6.930  4.406  3  A_DC3:DG22_B  A 3  ? B 22 ? 19 1 
1 A DG 4  1_555 B DC 9  1_555 -0.238 -0.474 -0.189 10.532 -13.301 -3.143 4  A_DG4:DC21_B  A 4  ? B 21 ? 19 1 
1 A DA 5  1_555 B DT 8  1_555 0.061  -0.039 -0.113 4.973  -17.389 10.218 5  A_DA5:DT20_B  A 5  ? B 20 ? 20 1 
1 A DA 6  1_555 B DT 7  1_555 0.333  0.076  0.424  7.322  -17.740 8.614  6  A_DA6:DT19_B  A 6  ? B 19 ? 20 1 
1 A DT 7  1_555 B DA 6  1_555 -0.128 0.111  0.275  3.133  -24.703 11.838 7  A_DT7:DA18_B  A 7  ? B 18 ? ?  1 
1 A DT 8  1_555 B DA 5  1_555 -0.625 -0.231 0.463  -8.865 -14.915 2.041  8  A_DT8:DA17_B  A 8  ? B 17 ? 20 1 
1 A DC 9  1_555 B DG 4  1_555 0.020  -0.367 -0.225 -5.009 -7.924  -3.059 9  A_DC9:DG16_B  A 9  ? B 16 ? 19 1 
1 A DG 10 1_555 B DC 3  1_555 0.135  -0.182 -0.110 1.463  -2.390  0.311  10 A_DG10:DC15_B A 10 ? B 15 ? 19 1 
1 A DC 11 1_555 B DG 2  1_555 0.256  -0.152 0.417  2.193  -23.301 3.900  11 A_DC11:DG14_B A 11 ? B 14 ? 19 1 
1 A DG 12 1_555 B DC 1  1_555 -0.136 0.022  -0.080 -0.010 -9.724  -0.729 12 A_DG12:DC13_B A 12 ? B 13 ? 19 1 
# 
loop_
_ndb_struct_na_base_pair_step.model_number 
_ndb_struct_na_base_pair_step.i_label_asym_id_1 
_ndb_struct_na_base_pair_step.i_label_comp_id_1 
_ndb_struct_na_base_pair_step.i_label_seq_id_1 
_ndb_struct_na_base_pair_step.i_symmetry_1 
_ndb_struct_na_base_pair_step.j_label_asym_id_1 
_ndb_struct_na_base_pair_step.j_label_comp_id_1 
_ndb_struct_na_base_pair_step.j_label_seq_id_1 
_ndb_struct_na_base_pair_step.j_symmetry_1 
_ndb_struct_na_base_pair_step.i_label_asym_id_2 
_ndb_struct_na_base_pair_step.i_label_comp_id_2 
_ndb_struct_na_base_pair_step.i_label_seq_id_2 
_ndb_struct_na_base_pair_step.i_symmetry_2 
_ndb_struct_na_base_pair_step.j_label_asym_id_2 
_ndb_struct_na_base_pair_step.j_label_comp_id_2 
_ndb_struct_na_base_pair_step.j_label_seq_id_2 
_ndb_struct_na_base_pair_step.j_symmetry_2 
_ndb_struct_na_base_pair_step.shift 
_ndb_struct_na_base_pair_step.slide 
_ndb_struct_na_base_pair_step.rise 
_ndb_struct_na_base_pair_step.tilt 
_ndb_struct_na_base_pair_step.roll 
_ndb_struct_na_base_pair_step.twist 
_ndb_struct_na_base_pair_step.x_displacement 
_ndb_struct_na_base_pair_step.y_displacement 
_ndb_struct_na_base_pair_step.helical_rise 
_ndb_struct_na_base_pair_step.inclination 
_ndb_struct_na_base_pair_step.tip 
_ndb_struct_na_base_pair_step.helical_twist 
_ndb_struct_na_base_pair_step.step_number 
_ndb_struct_na_base_pair_step.step_name 
_ndb_struct_na_base_pair_step.i_auth_asym_id_1 
_ndb_struct_na_base_pair_step.i_auth_seq_id_1 
_ndb_struct_na_base_pair_step.i_PDB_ins_code_1 
_ndb_struct_na_base_pair_step.j_auth_asym_id_1 
_ndb_struct_na_base_pair_step.j_auth_seq_id_1 
_ndb_struct_na_base_pair_step.j_PDB_ins_code_1 
_ndb_struct_na_base_pair_step.i_auth_asym_id_2 
_ndb_struct_na_base_pair_step.i_auth_seq_id_2 
_ndb_struct_na_base_pair_step.i_PDB_ins_code_2 
_ndb_struct_na_base_pair_step.j_auth_asym_id_2 
_ndb_struct_na_base_pair_step.j_auth_seq_id_2 
_ndb_struct_na_base_pair_step.j_PDB_ins_code_2 
1 A DC 1  1_555 B DG 12 1_555 A DG 2  1_555 B DC 11 1_555 -0.045 0.405  3.729 -3.951 8.221  29.645 -1.080 -0.800 3.682 15.609  
7.502  30.987 1  AA_DC1DG2:DC23DG24_BB   A 1  ? B 24 ? A 2  ? B 23 ? 
1 A DG 2  1_555 B DC 11 1_555 A DC 3  1_555 B DG 10 1_555 0.614  0.312  3.255 3.566  -2.994 39.018 0.820  -0.488 3.264 -4.462  
-5.316 39.284 2  AA_DG2DC3:DG22DC23_BB   A 2  ? B 23 ? A 3  ? B 22 ? 
1 A DC 3  1_555 B DG 10 1_555 A DG 4  1_555 B DC 9  1_555 -0.223 0.861  3.248 2.138  8.892  31.730 -0.036 0.766  3.339 15.856  
-3.813 32.989 3  AA_DC3DG4:DC21DG22_BB   A 3  ? B 22 ? A 4  ? B 21 ? 
1 A DG 4  1_555 B DC 9  1_555 A DA 5  1_555 B DT 8  1_555 0.518  0.273  3.488 -0.168 2.725  36.665 0.037  -0.846 3.497 4.324   
0.267  36.763 4  AA_DG4DA5:DT20DC21_BB   A 4  ? B 21 ? A 5  ? B 20 ? 
1 A DA 5  1_555 B DT 8  1_555 A DA 6  1_555 B DT 7  1_555 -0.009 -0.186 3.062 -4.446 2.105  37.372 -0.543 -0.524 3.029 3.267   
6.902  37.682 5  AA_DA5DA6:DT19DT20_BB   A 5  ? B 20 ? A 6  ? B 19 ? 
1 A DA 6  1_555 B DT 7  1_555 A DT 7  1_555 B DA 6  1_555 0.235  -0.620 3.442 1.748  -0.008 31.684 -1.133 -0.091 3.450 -0.014  
-3.199 31.731 6  AA_DA6DT7:DA18DT19_BB   A 6  ? B 19 ? A 7  ? B 18 ? 
1 A DT 7  1_555 B DA 6  1_555 A DT 8  1_555 B DA 5  1_555 -0.429 -0.491 3.485 -2.175 5.118  31.711 -1.853 0.363  3.388 9.276   
3.942  32.183 7  AA_DT7DT8:DA17DA18_BB   A 7  ? B 18 ? A 8  ? B 17 ? 
1 A DT 8  1_555 B DA 5  1_555 A DC 9  1_555 B DG 4  1_555 -0.471 -0.023 3.238 3.561  -6.839 42.174 0.640  0.994  3.156 -9.409  
-4.900 42.842 8  AA_DT8DC9:DG16DA17_BB   A 8  ? B 17 ? A 9  ? B 16 ? 
1 A DC 9  1_555 B DG 4  1_555 A DG 10 1_555 B DC 3  1_555 0.354  1.076  3.329 0.199  4.320  34.151 1.120  -0.565 3.437 7.320   
-0.337 34.415 9  AA_DC9DG10:DC15DG16_BB  A 9  ? B 16 ? A 10 ? B 15 ? 
1 A DG 10 1_555 B DC 3  1_555 A DC 11 1_555 B DG 2  1_555 -0.594 0.941  3.457 -3.536 -9.598 38.339 2.547  0.449  3.180 -14.306 
5.271  39.631 10 AA_DG10DC11:DG14DC15_BB A 10 ? B 15 ? A 11 ? B 14 ? 
1 A DC 11 1_555 B DG 2  1_555 A DG 12 1_555 B DC 1  1_555 0.177  0.682  3.609 4.746  3.391  35.896 0.565  0.455  3.649 5.458   
-7.638 36.352 11 AA_DC11DG12:DC13DG14_BB A 11 ? B 14 ? A 12 ? B 13 ? 
# 
_atom_sites.entry_id                    311D 
_atom_sites.fract_transf_matrix[1][1]   0.03322995 
_atom_sites.fract_transf_matrix[1][2]   -0.01323112 
_atom_sites.fract_transf_matrix[1][3]   0.01512830 
_atom_sites.fract_transf_matrix[2][1]   -0.00521898 
_atom_sites.fract_transf_matrix[2][2]   -0.02261584 
_atom_sites.fract_transf_matrix[2][3]   -0.00831596 
_atom_sites.fract_transf_matrix[3][1]   0.00712720 
_atom_sites.fract_transf_matrix[3][2]   0.00311123 
_atom_sites.fract_transf_matrix[3][3]   -0.01293413 
_atom_sites.fract_transf_vector[1]      0.571814 
_atom_sites.fract_transf_vector[2]      0.515123 
_atom_sites.fract_transf_vector[3]      0.124797 
# 
loop_
_atom_type.symbol 
C 
N 
O 
P 
# 
loop_
_atom_site.group_PDB 
_atom_site.id 
_atom_site.type_symbol 
_atom_site.label_atom_id 
_atom_site.label_alt_id 
_atom_site.label_comp_id 
_atom_site.label_asym_id 
_atom_site.label_entity_id 
_atom_site.label_seq_id 
_atom_site.pdbx_PDB_ins_code 
_atom_site.Cartn_x 
_atom_site.Cartn_y 
_atom_site.Cartn_z 
_atom_site.occupancy 
_atom_site.B_iso_or_equiv 
_atom_site.pdbx_formal_charge 
_atom_site.auth_seq_id 
_atom_site.auth_comp_id 
_atom_site.auth_asym_id 
_atom_site.auth_atom_id 
_atom_site.pdbx_PDB_model_num 
ATOM   1   O "O5'" . DC  A 1 1  ? 8.867   -9.316  -17.475 1.00 67.03 ? 1   DC  A "O5'" 1 
ATOM   2   C "C5'" . DC  A 1 1  ? 8.660   -9.927  -16.186 1.00 56.50 ? 1   DC  A "C5'" 1 
ATOM   3   C "C4'" . DC  A 1 1  ? 9.813   -9.577  -15.276 1.00 47.35 ? 1   DC  A "C4'" 1 
ATOM   4   O "O4'" . DC  A 1 1  ? 10.222  -8.217  -15.523 1.00 41.41 ? 1   DC  A "O4'" 1 
ATOM   5   C "C3'" . DC  A 1 1  ? 9.519   -9.641  -13.787 1.00 43.68 ? 1   DC  A "C3'" 1 
ATOM   6   O "O3'" . DC  A 1 1  ? 10.733  -10.010 -13.130 1.00 50.67 ? 1   DC  A "O3'" 1 
ATOM   7   C "C2'" . DC  A 1 1  ? 9.065   -8.235  -13.467 1.00 33.65 ? 1   DC  A "C2'" 1 
ATOM   8   C "C1'" . DC  A 1 1  ? 9.849   -7.376  -14.442 1.00 33.55 ? 1   DC  A "C1'" 1 
ATOM   9   N N1    . DC  A 1 1  ? 9.081   -6.257  -15.018 1.00 30.39 ? 1   DC  A N1    1 
ATOM   10  C C2    . DC  A 1 1  ? 9.733   -5.031  -15.260 1.00 21.81 ? 1   DC  A C2    1 
ATOM   11  O O2    . DC  A 1 1  ? 10.920  -4.896  -14.907 1.00 25.41 ? 1   DC  A O2    1 
ATOM   12  N N3    . DC  A 1 1  ? 9.054   -4.034  -15.870 1.00 19.31 ? 1   DC  A N3    1 
ATOM   13  C C4    . DC  A 1 1  ? 7.773   -4.216  -16.213 1.00 23.16 ? 1   DC  A C4    1 
ATOM   14  N N4    . DC  A 1 1  ? 7.135   -3.216  -16.840 1.00 23.38 ? 1   DC  A N4    1 
ATOM   15  C C5    . DC  A 1 1  ? 7.082   -5.433  -15.939 1.00 21.39 ? 1   DC  A C5    1 
ATOM   16  C C6    . DC  A 1 1  ? 7.765   -6.415  -15.346 1.00 22.59 ? 1   DC  A C6    1 
ATOM   17  P P     . DG  A 1 2  ? 10.793  -10.121 -11.527 1.00 50.88 ? 2   DG  A P     1 
ATOM   18  O OP1   . DG  A 1 2  ? 11.888  -11.059 -11.165 1.00 49.25 ? 2   DG  A OP1   1 
ATOM   19  O OP2   . DG  A 1 2  ? 9.413   -10.349 -11.016 1.00 51.85 ? 2   DG  A OP2   1 
ATOM   20  O "O5'" . DG  A 1 2  ? 11.244  -8.672  -11.067 1.00 45.92 ? 2   DG  A "O5'" 1 
ATOM   21  C "C5'" . DG  A 1 2  ? 12.591  -8.273  -11.248 1.00 37.08 ? 2   DG  A "C5'" 1 
ATOM   22  C "C4'" . DG  A 1 2  ? 12.825  -6.968  -10.542 1.00 36.99 ? 2   DG  A "C4'" 1 
ATOM   23  O "O4'" . DG  A 1 2  ? 12.061  -5.921  -11.186 1.00 38.60 ? 2   DG  A "O4'" 1 
ATOM   24  C "C3'" . DG  A 1 2  ? 12.379  -6.986  -9.085  1.00 36.13 ? 2   DG  A "C3'" 1 
ATOM   25  O "O3'" . DG  A 1 2  ? 13.434  -6.437  -8.302  1.00 41.51 ? 2   DG  A "O3'" 1 
ATOM   26  C "C2'" . DG  A 1 2  ? 11.090  -6.181  -9.068  1.00 31.21 ? 2   DG  A "C2'" 1 
ATOM   27  C "C1'" . DG  A 1 2  ? 11.288  -5.222  -10.226 1.00 32.06 ? 2   DG  A "C1'" 1 
ATOM   28  N N9    . DG  A 1 2  ? 10.067  -4.799  -10.877 1.00 26.00 ? 2   DG  A N9    1 
ATOM   29  C C8    . DG  A 1 2  ? 8.963   -5.566  -11.161 1.00 26.98 ? 2   DG  A C8    1 
ATOM   30  N N7    . DG  A 1 2  ? 8.021   -4.894  -11.765 1.00 24.56 ? 2   DG  A N7    1 
ATOM   31  C C5    . DG  A 1 2  ? 8.541   -3.610  -11.885 1.00 17.67 ? 2   DG  A C5    1 
ATOM   32  C C6    . DG  A 1 2  ? 7.987   -2.451  -12.459 1.00 18.34 ? 2   DG  A C6    1 
ATOM   33  O O6    . DG  A 1 2  ? 6.874   -2.310  -13.000 1.00 21.19 ? 2   DG  A O6    1 
ATOM   34  N N1    . DG  A 1 2  ? 8.854   -1.369  -12.363 1.00 14.90 ? 2   DG  A N1    1 
ATOM   35  C C2    . DG  A 1 2  ? 10.090  -1.405  -11.777 1.00 16.31 ? 2   DG  A C2    1 
ATOM   36  N N2    . DG  A 1 2  ? 10.769  -0.260  -11.736 1.00 22.18 ? 2   DG  A N2    1 
ATOM   37  N N3    . DG  A 1 2  ? 10.624  -2.485  -11.255 1.00 19.25 ? 2   DG  A N3    1 
ATOM   38  C C4    . DG  A 1 2  ? 9.801   -3.542  -11.341 1.00 20.11 ? 2   DG  A C4    1 
ATOM   39  P P     . DC  A 1 3  ? 13.292  -6.356  -6.716  1.00 38.54 ? 3   DC  A P     1 
ATOM   40  O OP1   . DC  A 1 3  ? 14.645  -6.587  -6.158  1.00 38.36 ? 3   DC  A OP1   1 
ATOM   41  O OP2   . DC  A 1 3  ? 12.166  -7.237  -6.345  1.00 41.05 ? 3   DC  A OP2   1 
ATOM   42  O "O5'" . DC  A 1 3  ? 12.843  -4.851  -6.490  1.00 38.69 ? 3   DC  A "O5'" 1 
ATOM   43  C "C5'" . DC  A 1 3  ? 13.674  -3.825  -6.990  1.00 35.74 ? 3   DC  A "C5'" 1 
ATOM   44  C "C4'" . DC  A 1 3  ? 13.020  -2.473  -6.847  1.00 33.17 ? 3   DC  A "C4'" 1 
ATOM   45  O "O4'" . DC  A 1 3  ? 11.941  -2.348  -7.791  1.00 30.14 ? 3   DC  A "O4'" 1 
ATOM   46  C "C3'" . DC  A 1 3  ? 12.439  -2.142  -5.480  1.00 31.73 ? 3   DC  A "C3'" 1 
ATOM   47  O "O3'" . DC  A 1 3  ? 13.275  -1.209  -4.793  1.00 36.20 ? 3   DC  A "O3'" 1 
ATOM   48  C "C2'" . DC  A 1 3  ? 11.038  -1.638  -5.769  1.00 24.57 ? 3   DC  A "C2'" 1 
ATOM   49  C "C1'" . DC  A 1 3  ? 10.950  -1.492  -7.277  1.00 24.48 ? 3   DC  A "C1'" 1 
ATOM   50  N N1    . DC  A 1 3  ? 9.677   -1.987  -7.772  1.00 23.12 ? 3   DC  A N1    1 
ATOM   51  C C2    . DC  A 1 3  ? 8.873   -1.181  -8.571  1.00 22.99 ? 3   DC  A C2    1 
ATOM   52  O O2    . DC  A 1 3  ? 9.247   -0.046  -8.843  1.00 30.03 ? 3   DC  A O2    1 
ATOM   53  N N3    . DC  A 1 3  ? 7.709   -1.659  -9.027  1.00 23.34 ? 3   DC  A N3    1 
ATOM   54  C C4    . DC  A 1 3  ? 7.340   -2.901  -8.717  1.00 24.72 ? 3   DC  A C4    1 
ATOM   55  N N4    . DC  A 1 3  ? 6.190   -3.366  -9.221  1.00 26.23 ? 3   DC  A N4    1 
ATOM   56  C C5    . DC  A 1 3  ? 8.132   -3.737  -7.890  1.00 26.24 ? 3   DC  A C5    1 
ATOM   57  C C6    . DC  A 1 3  ? 9.279   -3.249  -7.446  1.00 23.44 ? 3   DC  A C6    1 
ATOM   58  P P     . DG  A 1 4  ? 13.009  -0.889  -3.243  1.00 38.46 ? 4   DG  A P     1 
ATOM   59  O OP1   . DG  A 1 4  ? 14.306  -0.539  -2.607  1.00 42.21 ? 4   DG  A OP1   1 
ATOM   60  O OP2   . DG  A 1 4  ? 12.174  -1.979  -2.668  1.00 38.35 ? 4   DG  A OP2   1 
ATOM   61  O "O5'" . DG  A 1 4  ? 12.120  0.416   -3.343  1.00 37.28 ? 4   DG  A "O5'" 1 
ATOM   62  C "C5'" . DG  A 1 4  ? 12.611  1.488   -4.116  1.00 37.31 ? 4   DG  A "C5'" 1 
ATOM   63  C "C4'" . DG  A 1 4  ? 11.543  2.528   -4.305  1.00 35.20 ? 4   DG  A "C4'" 1 
ATOM   64  O "O4'" . DG  A 1 4  ? 10.454  1.982   -5.076  1.00 33.74 ? 4   DG  A "O4'" 1 
ATOM   65  C "C3'" . DG  A 1 4  ? 10.933  3.050   -3.011  1.00 38.19 ? 4   DG  A "C3'" 1 
ATOM   66  O "O3'" . DG  A 1 4  ? 10.927  4.480   -3.115  1.00 44.63 ? 4   DG  A "O3'" 1 
ATOM   67  C "C2'" . DG  A 1 4  ? 9.568   2.385   -2.955  1.00 33.05 ? 4   DG  A "C2'" 1 
ATOM   68  C "C1'" . DG  A 1 4  ? 9.226   2.232   -4.426  1.00 29.92 ? 4   DG  A "C1'" 1 
ATOM   69  N N9    . DG  A 1 4  ? 8.359   1.121   -4.712  1.00 24.45 ? 4   DG  A N9    1 
ATOM   70  C C8    . DG  A 1 4  ? 8.426   -0.131  -4.157  1.00 23.44 ? 4   DG  A C8    1 
ATOM   71  N N7    . DG  A 1 4  ? 7.530   -0.952  -4.633  1.00 26.79 ? 4   DG  A N7    1 
ATOM   72  C C5    . DG  A 1 4  ? 6.826   -0.192  -5.554  1.00 24.29 ? 4   DG  A C5    1 
ATOM   73  C C6    . DG  A 1 4  ? 5.746   -0.548  -6.396  1.00 31.22 ? 4   DG  A C6    1 
ATOM   74  O O6    . DG  A 1 4  ? 5.175   -1.649  -6.505  1.00 37.02 ? 4   DG  A O6    1 
ATOM   75  N N1    . DG  A 1 4  ? 5.329   0.529   -7.174  1.00 29.91 ? 4   DG  A N1    1 
ATOM   76  C C2    . DG  A 1 4  ? 5.888   1.781   -7.145  1.00 25.28 ? 4   DG  A C2    1 
ATOM   77  N N2    . DG  A 1 4  ? 5.331   2.679   -7.956  1.00 26.85 ? 4   DG  A N2    1 
ATOM   78  N N3    . DG  A 1 4  ? 6.911   2.124   -6.375  1.00 24.38 ? 4   DG  A N3    1 
ATOM   79  C C4    . DG  A 1 4  ? 7.325   1.094   -5.608  1.00 24.12 ? 4   DG  A C4    1 
ATOM   80  P P     . DA  A 1 5  ? 10.259  5.375   -1.969  1.00 47.16 ? 5   DA  A P     1 
ATOM   81  O OP1   . DA  A 1 5  ? 11.026  6.638   -1.865  1.00 49.07 ? 5   DA  A OP1   1 
ATOM   82  O OP2   . DA  A 1 5  ? 10.068  4.510   -0.780  1.00 48.21 ? 5   DA  A OP2   1 
ATOM   83  O "O5'" . DA  A 1 5  ? 8.839   5.724   -2.576  1.00 45.41 ? 5   DA  A "O5'" 1 
ATOM   84  C "C5'" . DA  A 1 5  ? 8.780   6.398   -3.817  1.00 37.88 ? 5   DA  A "C5'" 1 
ATOM   85  C "C4'" . DA  A 1 5  ? 7.348   6.588   -4.228  1.00 32.25 ? 5   DA  A "C4'" 1 
ATOM   86  O "O4'" . DA  A 1 5  ? 6.721   5.304   -4.428  1.00 29.97 ? 5   DA  A "O4'" 1 
ATOM   87  C "C3'" . DA  A 1 5  ? 6.527   7.295   -3.169  1.00 35.16 ? 5   DA  A "C3'" 1 
ATOM   88  O "O3'" . DA  A 1 5  ? 5.727   8.249   -3.857  1.00 35.88 ? 5   DA  A "O3'" 1 
ATOM   89  C "C2'" . DA  A 1 5  ? 5.771   6.162   -2.484  1.00 35.18 ? 5   DA  A "C2'" 1 
ATOM   90  C "C1'" . DA  A 1 5  ? 5.590   5.161   -3.605  1.00 26.07 ? 5   DA  A "C1'" 1 
ATOM   91  N N9    . DA  A 1 5  ? 5.527   3.767   -3.197  1.00 26.77 ? 5   DA  A N9    1 
ATOM   92  C C8    . DA  A 1 5  ? 6.306   3.112   -2.277  1.00 27.27 ? 5   DA  A C8    1 
ATOM   93  N N7    . DA  A 1 5  ? 6.013   1.830   -2.151  1.00 26.93 ? 5   DA  A N7    1 
ATOM   94  C C5    . DA  A 1 5  ? 4.971   1.633   -3.058  1.00 23.04 ? 5   DA  A C5    1 
ATOM   95  C C6    . DA  A 1 5  ? 4.218   0.481   -3.430  1.00 17.99 ? 5   DA  A C6    1 
ATOM   96  N N6    . DA  A 1 5  ? 4.426   -0.739  -2.938  1.00 20.15 ? 5   DA  A N6    1 
ATOM   97  N N1    . DA  A 1 5  ? 3.242   0.638   -4.347  1.00 19.95 ? 5   DA  A N1    1 
ATOM   98  C C2    . DA  A 1 5  ? 3.047   1.855   -4.878  1.00 23.31 ? 5   DA  A C2    1 
ATOM   99  N N3    . DA  A 1 5  ? 3.695   2.999   -4.636  1.00 27.06 ? 5   DA  A N3    1 
ATOM   100 C C4    . DA  A 1 5  ? 4.654   2.821   -3.701  1.00 24.54 ? 5   DA  A C4    1 
ATOM   101 P P     . DA  A 1 6  ? 4.723   9.182   -3.042  1.00 34.41 ? 6   DA  A P     1 
ATOM   102 O OP1   . DA  A 1 6  ? 4.624   10.478  -3.759  1.00 36.56 ? 6   DA  A OP1   1 
ATOM   103 O OP2   . DA  A 1 6  ? 5.155   9.132   -1.617  1.00 35.76 ? 6   DA  A OP2   1 
ATOM   104 O "O5'" . DA  A 1 6  ? 3.327   8.437   -3.150  1.00 37.95 ? 6   DA  A "O5'" 1 
ATOM   105 C "C5'" . DA  A 1 6  ? 2.654   8.374   -4.400  1.00 36.67 ? 6   DA  A "C5'" 1 
ATOM   106 C "C4'" . DA  A 1 6  ? 1.358   7.606   -4.271  1.00 34.66 ? 6   DA  A "C4'" 1 
ATOM   107 O "O4'" . DA  A 1 6  ? 1.618   6.215   -3.983  1.00 30.82 ? 6   DA  A "O4'" 1 
ATOM   108 C "C3'" . DA  A 1 6  ? 0.364   8.096   -3.213  1.00 28.72 ? 6   DA  A "C3'" 1 
ATOM   109 O "O3'" . DA  A 1 6  ? -0.885  8.209   -3.874  1.00 32.00 ? 6   DA  A "O3'" 1 
ATOM   110 C "C2'" . DA  A 1 6  ? 0.392   7.021   -2.146  1.00 27.68 ? 6   DA  A "C2'" 1 
ATOM   111 C "C1'" . DA  A 1 6  ? 0.778   5.778   -2.934  1.00 29.17 ? 6   DA  A "C1'" 1 
ATOM   112 N N9    . DA  A 1 6  ? 1.503   4.772   -2.163  1.00 22.68 ? 6   DA  A N9    1 
ATOM   113 C C8    . DA  A 1 6  ? 2.559   4.938   -1.303  1.00 25.83 ? 6   DA  A C8    1 
ATOM   114 N N7    . DA  A 1 6  ? 2.961   3.817   -0.746  1.00 26.69 ? 6   DA  A N7    1 
ATOM   115 C C5    . DA  A 1 6  ? 2.117   2.856   -1.286  1.00 16.07 ? 6   DA  A C5    1 
ATOM   116 C C6    . DA  A 1 6  ? 2.018   1.483   -1.100  1.00 15.82 ? 6   DA  A C6    1 
ATOM   117 N N6    . DA  A 1 6  ? 2.799   0.785   -0.283  1.00 20.76 ? 6   DA  A N6    1 
ATOM   118 N N1    . DA  A 1 6  ? 1.071   0.829   -1.787  1.00 15.97 ? 6   DA  A N1    1 
ATOM   119 C C2    . DA  A 1 6  ? 0.275   1.518   -2.593  1.00 10.56 ? 6   DA  A C2    1 
ATOM   120 N N3    . DA  A 1 6  ? 0.264   2.805   -2.851  1.00 18.64 ? 6   DA  A N3    1 
ATOM   121 C C4    . DA  A 1 6  ? 1.222   3.428   -2.160  1.00 15.27 ? 6   DA  A C4    1 
ATOM   122 P P     . DT  A 1 7  ? -2.129  8.880   -3.148  1.00 33.30 ? 7   DT  A P     1 
ATOM   123 O OP1   . DT  A 1 7  ? -2.927  9.592   -4.168  1.00 30.23 ? 7   DT  A OP1   1 
ATOM   124 O OP2   . DT  A 1 7  ? -1.675  9.564   -1.919  1.00 36.57 ? 7   DT  A OP2   1 
ATOM   125 O "O5'" . DT  A 1 7  ? -2.988  7.625   -2.751  1.00 34.36 ? 7   DT  A "O5'" 1 
ATOM   126 C "C5'" . DT  A 1 7  ? -3.368  6.755   -3.790  1.00 31.56 ? 7   DT  A "C5'" 1 
ATOM   127 C "C4'" . DT  A 1 7  ? -3.880  5.468   -3.214  1.00 25.51 ? 7   DT  A "C4'" 1 
ATOM   128 O "O4'" . DT  A 1 7  ? -2.823  4.784   -2.515  1.00 22.85 ? 7   DT  A "O4'" 1 
ATOM   129 C "C3'" . DT  A 1 7  ? -4.968  5.714   -2.184  1.00 26.83 ? 7   DT  A "C3'" 1 
ATOM   130 O "O3'" . DT  A 1 7  ? -6.180  5.235   -2.723  1.00 37.59 ? 7   DT  A "O3'" 1 
ATOM   131 C "C2'" . DT  A 1 7  ? -4.472  5.035   -0.919  1.00 21.26 ? 7   DT  A "C2'" 1 
ATOM   132 C "C1'" . DT  A 1 7  ? -3.409  4.096   -1.444  1.00 22.08 ? 7   DT  A "C1'" 1 
ATOM   133 N N1    . DT  A 1 7  ? -2.362  3.761   -0.507  1.00 18.55 ? 7   DT  A N1    1 
ATOM   134 C C2    . DT  A 1 7  ? -2.137  2.429   -0.220  1.00 25.89 ? 7   DT  A C2    1 
ATOM   135 O O2    . DT  A 1 7  ? -2.767  1.506   -0.732  1.00 27.58 ? 7   DT  A O2    1 
ATOM   136 N N3    . DT  A 1 7  ? -1.147  2.209   0.698   1.00 23.16 ? 7   DT  A N3    1 
ATOM   137 C C4    . DT  A 1 7  ? -0.373  3.159   1.333   1.00 19.73 ? 7   DT  A C4    1 
ATOM   138 O O4    . DT  A 1 7  ? 0.499   2.806   2.115   1.00 22.31 ? 7   DT  A O4    1 
ATOM   139 C C5    . DT  A 1 7  ? -0.669  4.522   0.985   1.00 20.59 ? 7   DT  A C5    1 
ATOM   140 C C7    . DT  A 1 7  ? 0.101   5.620   1.645   1.00 21.19 ? 7   DT  A C7    1 
ATOM   141 C C6    . DT  A 1 7  ? -1.631  4.750   0.087   1.00 18.80 ? 7   DT  A C6    1 
ATOM   142 P P     . DT  A 1 8  ? -7.544  5.510   -1.958  1.00 38.93 ? 8   DT  A P     1 
ATOM   143 O OP1   . DT  A 1 8  ? -8.582  5.634   -3.002  1.00 42.66 ? 8   DT  A OP1   1 
ATOM   144 O OP2   . DT  A 1 8  ? -7.346  6.590   -0.969  1.00 46.53 ? 8   DT  A OP2   1 
ATOM   145 O "O5'" . DT  A 1 8  ? -7.730  4.162   -1.151  1.00 40.45 ? 8   DT  A "O5'" 1 
ATOM   146 C "C5'" . DT  A 1 8  ? -7.704  2.938   -1.856  1.00 30.63 ? 8   DT  A "C5'" 1 
ATOM   147 C "C4'" . DT  A 1 8  ? -7.672  1.788   -0.887  1.00 29.89 ? 8   DT  A "C4'" 1 
ATOM   148 O "O4'" . DT  A 1 8  ? -6.412  1.776   -0.182  1.00 23.48 ? 8   DT  A "O4'" 1 
ATOM   149 C "C3'" . DT  A 1 8  ? -8.755  1.845   0.190   1.00 32.51 ? 8   DT  A "C3'" 1 
ATOM   150 O "O3'" . DT  A 1 8  ? -9.659  0.752   0.013   1.00 37.96 ? 8   DT  A "O3'" 1 
ATOM   151 C "C2'" . DT  A 1 8  ? -7.998  1.856   1.513   1.00 30.62 ? 8   DT  A "C2'" 1 
ATOM   152 C "C1'" . DT  A 1 8  ? -6.648  1.293   1.127   1.00 24.45 ? 8   DT  A "C1'" 1 
ATOM   153 N N1    . DT  A 1 8  ? -5.505  1.682   1.971   1.00 22.35 ? 8   DT  A N1    1 
ATOM   154 C C2    . DT  A 1 8  ? -4.878  0.693   2.678   1.00 22.29 ? 8   DT  A C2    1 
ATOM   155 O O2    . DT  A 1 8  ? -5.283  -0.449  2.709   1.00 31.19 ? 8   DT  A O2    1 
ATOM   156 N N3    . DT  A 1 8  ? -3.765  1.093   3.369   1.00 18.09 ? 8   DT  A N3    1 
ATOM   157 C C4    . DT  A 1 8  ? -3.255  2.364   3.463   1.00 19.66 ? 8   DT  A C4    1 
ATOM   158 O O4    . DT  A 1 8  ? -2.241  2.557   4.118   1.00 22.98 ? 8   DT  A O4    1 
ATOM   159 C C5    . DT  A 1 8  ? -3.996  3.373   2.748   1.00 23.08 ? 8   DT  A C5    1 
ATOM   160 C C7    . DT  A 1 8  ? -3.559  4.805   2.844   1.00 25.66 ? 8   DT  A C7    1 
ATOM   161 C C6    . DT  A 1 8  ? -5.063  2.987   2.031   1.00 23.34 ? 8   DT  A C6    1 
ATOM   162 P P     . DC  A 1 9  ? -10.838 0.505   1.072   1.00 39.25 ? 9   DC  A P     1 
ATOM   163 O OP1   . DC  A 1 9  ? -11.938 -0.130  0.313   1.00 43.15 ? 9   DC  A OP1   1 
ATOM   164 O OP2   . DC  A 1 9  ? -11.109 1.718   1.891   1.00 44.11 ? 9   DC  A OP2   1 
ATOM   165 O "O5'" . DC  A 1 9  ? -10.153 -0.537  2.040   1.00 40.42 ? 9   DC  A "O5'" 1 
ATOM   166 C "C5'" . DC  A 1 9  ? -9.548  -1.673  1.471   1.00 42.31 ? 9   DC  A "C5'" 1 
ATOM   167 C "C4'" . DC  A 1 9  ? -9.219  -2.663  2.548   1.00 43.23 ? 9   DC  A "C4'" 1 
ATOM   168 O "O4'" . DC  A 1 9  ? -8.032  -2.221  3.226   1.00 45.57 ? 9   DC  A "O4'" 1 
ATOM   169 C "C3'" . DC  A 1 9  ? -10.309 -2.805  3.600   1.00 43.78 ? 9   DC  A "C3'" 1 
ATOM   170 O "O3'" . DC  A 1 9  ? -10.625 -4.197  3.705   1.00 52.06 ? 9   DC  A "O3'" 1 
ATOM   171 C "C2'" . DC  A 1 9  ? -9.730  -2.115  4.829   1.00 40.90 ? 9   DC  A "C2'" 1 
ATOM   172 C "C1'" . DC  A 1 9  ? -8.223  -2.182  4.620   1.00 39.51 ? 9   DC  A "C1'" 1 
ATOM   173 N N1    . DC  A 1 9  ? -7.435  -1.034  5.119   1.00 36.16 ? 9   DC  A N1    1 
ATOM   174 C C2    . DC  A 1 9  ? -6.244  -1.283  5.810   1.00 34.59 ? 9   DC  A C2    1 
ATOM   175 O O2    . DC  A 1 9  ? -5.917  -2.462  6.034   1.00 35.36 ? 9   DC  A O2    1 
ATOM   176 N N3    . DC  A 1 9  ? -5.480  -0.236  6.216   1.00 32.02 ? 9   DC  A N3    1 
ATOM   177 C C4    . DC  A 1 9  ? -5.882  1.011   5.968   1.00 33.65 ? 9   DC  A C4    1 
ATOM   178 N N4    . DC  A 1 9  ? -5.097  2.015   6.375   1.00 34.61 ? 9   DC  A N4    1 
ATOM   179 C C5    . DC  A 1 9  ? -7.107  1.288   5.289   1.00 32.79 ? 9   DC  A C5    1 
ATOM   180 C C6    . DC  A 1 9  ? -7.841  0.249   4.886   1.00 32.46 ? 9   DC  A C6    1 
ATOM   181 P P     . DG  A 1 10 ? -11.936 -4.688  4.504   1.00 56.69 ? 10  DG  A P     1 
ATOM   182 O OP1   . DG  A 1 10 ? -12.419 -5.920  3.819   1.00 59.41 ? 10  DG  A OP1   1 
ATOM   183 O OP2   . DG  A 1 10 ? -12.868 -3.552  4.740   1.00 55.22 ? 10  DG  A OP2   1 
ATOM   184 O "O5'" . DG  A 1 10 ? -11.328 -5.098  5.912   1.00 54.48 ? 10  DG  A "O5'" 1 
ATOM   185 C "C5'" . DG  A 1 10 ? -10.263 -6.035  5.942   1.00 48.59 ? 10  DG  A "C5'" 1 
ATOM   186 C "C4'" . DG  A 1 10 ? -9.651  -6.099  7.315   1.00 49.98 ? 10  DG  A "C4'" 1 
ATOM   187 O "O4'" . DG  A 1 10 ? -8.859  -4.929  7.614   1.00 50.21 ? 10  DG  A "O4'" 1 
ATOM   188 C "C3'" . DG  A 1 10 ? -10.621 -6.280  8.474   1.00 49.83 ? 10  DG  A "C3'" 1 
ATOM   189 O "O3'" . DG  A 1 10 ? -10.271 -7.536  9.068   1.00 54.50 ? 10  DG  A "O3'" 1 
ATOM   190 C "C2'" . DG  A 1 10 ? -10.524 -4.986  9.272   1.00 41.40 ? 10  DG  A "C2'" 1 
ATOM   191 C "C1'" . DG  A 1 10 ? -9.168  -4.418  8.896   1.00 41.64 ? 10  DG  A "C1'" 1 
ATOM   192 N N9    . DG  A 1 10 ? -9.084  -2.959  8.809   1.00 34.67 ? 10  DG  A N9    1 
ATOM   193 C C8    . DG  A 1 10 ? -9.995  -2.094  8.251   1.00 31.65 ? 10  DG  A C8    1 
ATOM   194 N N7    . DG  A 1 10 ? -9.590  -0.847  8.255   1.00 27.68 ? 10  DG  A N7    1 
ATOM   195 C C5    . DG  A 1 10 ? -8.345  -0.894  8.871   1.00 27.73 ? 10  DG  A C5    1 
ATOM   196 C C6    . DG  A 1 10 ? -7.410  0.142   9.158   1.00 26.76 ? 10  DG  A C6    1 
ATOM   197 O O6    . DG  A 1 10 ? -7.487  1.356   8.911   1.00 26.69 ? 10  DG  A O6    1 
ATOM   198 N N1    . DG  A 1 10 ? -6.288  -0.357  9.804   1.00 22.11 ? 10  DG  A N1    1 
ATOM   199 C C2    . DG  A 1 10 ? -6.084  -1.666  10.133  1.00 22.82 ? 10  DG  A C2    1 
ATOM   200 N N2    . DG  A 1 10 ? -4.953  -1.939  10.768  1.00 25.58 ? 10  DG  A N2    1 
ATOM   201 N N3    . DG  A 1 10 ? -6.928  -2.635  9.865   1.00 28.09 ? 10  DG  A N3    1 
ATOM   202 C C4    . DG  A 1 10 ? -8.029  -2.186  9.235   1.00 29.44 ? 10  DG  A C4    1 
ATOM   203 P P     . DC  A 1 11 ? -10.789 -7.957  10.519  1.00 54.57 ? 11  DC  A P     1 
ATOM   204 O OP1   . DC  A 1 11 ? -11.156 -9.384  10.369  1.00 64.75 ? 11  DC  A OP1   1 
ATOM   205 O OP2   . DC  A 1 11 ? -11.779 -6.980  11.042  1.00 52.82 ? 11  DC  A OP2   1 
ATOM   206 O "O5'" . DC  A 1 11 ? -9.442  -7.890  11.345  1.00 52.36 ? 11  DC  A "O5'" 1 
ATOM   207 C "C5'" . DC  A 1 11 ? -8.276  -8.462  10.763  1.00 46.67 ? 11  DC  A "C5'" 1 
ATOM   208 C "C4'" . DC  A 1 11 ? -7.046  -8.017  11.512  1.00 48.59 ? 11  DC  A "C4'" 1 
ATOM   209 O "O4'" . DC  A 1 11 ? -7.002  -6.570  11.528  1.00 45.63 ? 11  DC  A "O4'" 1 
ATOM   210 C "C3'" . DC  A 1 11 ? -7.040  -8.459  12.973  1.00 50.17 ? 11  DC  A "C3'" 1 
ATOM   211 O "O3'" . DC  A 1 11 ? -5.724  -8.880  13.335  1.00 50.49 ? 11  DC  A "O3'" 1 
ATOM   212 C "C2'" . DC  A 1 11 ? -7.532  -7.237  13.728  1.00 46.64 ? 11  DC  A "C2'" 1 
ATOM   213 C "C1'" . DC  A 1 11 ? -7.065  -6.085  12.862  1.00 41.62 ? 11  DC  A "C1'" 1 
ATOM   214 N N1    . DC  A 1 11 ? -7.954  -4.949  12.860  1.00 32.59 ? 11  DC  A N1    1 
ATOM   215 C C2    . DC  A 1 11 ? -7.412  -3.684  13.063  1.00 30.04 ? 11  DC  A C2    1 
ATOM   216 O O2    . DC  A 1 11 ? -6.216  -3.588  13.342  1.00 37.80 ? 11  DC  A O2    1 
ATOM   217 N N3    . DC  A 1 11 ? -8.195  -2.600  12.954  1.00 27.40 ? 11  DC  A N3    1 
ATOM   218 C C4    . DC  A 1 11 ? -9.484  -2.747  12.669  1.00 30.76 ? 11  DC  A C4    1 
ATOM   219 N N4    . DC  A 1 11 ? -10.206 -1.644  12.500  1.00 35.82 ? 11  DC  A N4    1 
ATOM   220 C C5    . DC  A 1 11 ? -10.087 -4.034  12.526  1.00 31.49 ? 11  DC  A C5    1 
ATOM   221 C C6    . DC  A 1 11 ? -9.288  -5.099  12.627  1.00 31.71 ? 11  DC  A C6    1 
ATOM   222 P P     . DG  A 1 12 ? -5.465  -9.524  14.778  1.00 58.32 ? 12  DG  A P     1 
ATOM   223 O OP1   . DG  A 1 12 ? -4.159  -10.242 14.729  1.00 49.31 ? 12  DG  A OP1   1 
ATOM   224 O OP2   . DG  A 1 12 ? -6.691  -10.250 15.208  1.00 52.69 ? 12  DG  A OP2   1 
ATOM   225 O "O5'" . DG  A 1 12 ? -5.349  -8.236  15.714  1.00 60.71 ? 12  DG  A "O5'" 1 
ATOM   226 C "C5'" . DG  A 1 12 ? -4.156  -7.440  15.721  1.00 56.07 ? 12  DG  A "C5'" 1 
ATOM   227 C "C4'" . DG  A 1 12 ? -4.116  -6.544  16.939  1.00 51.62 ? 12  DG  A "C4'" 1 
ATOM   228 O "O4'" . DG  A 1 12 ? -5.040  -5.446  16.776  1.00 45.88 ? 12  DG  A "O4'" 1 
ATOM   229 C "C3'" . DG  A 1 12 ? -4.476  -7.216  18.271  1.00 47.21 ? 12  DG  A "C3'" 1 
ATOM   230 O "O3'" . DG  A 1 12 ? -3.574  -6.800  19.298  1.00 49.34 ? 12  DG  A "O3'" 1 
ATOM   231 C "C2'" . DG  A 1 12 ? -5.877  -6.705  18.559  1.00 42.67 ? 12  DG  A "C2'" 1 
ATOM   232 C "C1'" . DG  A 1 12 ? -5.853  -5.327  17.929  1.00 41.53 ? 12  DG  A "C1'" 1 
ATOM   233 N N9    . DG  A 1 12 ? -7.131  -4.854  17.485  1.00 37.51 ? 12  DG  A N9    1 
ATOM   234 C C8    . DG  A 1 12 ? -8.230  -5.611  17.175  1.00 36.40 ? 12  DG  A C8    1 
ATOM   235 N N7    . DG  A 1 12 ? -9.220  -4.903  16.707  1.00 34.19 ? 12  DG  A N7    1 
ATOM   236 C C5    . DG  A 1 12 ? -8.752  -3.596  16.737  1.00 33.44 ? 12  DG  A C5    1 
ATOM   237 C C6    . DG  A 1 12 ? -9.385  -2.379  16.351  1.00 32.03 ? 12  DG  A C6    1 
ATOM   238 O O6    . DG  A 1 12 ? -10.535 -2.211  15.921  1.00 30.56 ? 12  DG  A O6    1 
ATOM   239 N N1    . DG  A 1 12 ? -8.543  -1.285  16.527  1.00 29.49 ? 12  DG  A N1    1 
ATOM   240 C C2    . DG  A 1 12 ? -7.270  -1.349  17.035  1.00 32.80 ? 12  DG  A C2    1 
ATOM   241 N N2    . DG  A 1 12 ? -6.629  -0.188  17.146  1.00 35.33 ? 12  DG  A N2    1 
ATOM   242 N N3    . DG  A 1 12 ? -6.671  -2.472  17.412  1.00 34.60 ? 12  DG  A N3    1 
ATOM   243 C C4    . DG  A 1 12 ? -7.467  -3.549  17.230  1.00 36.46 ? 12  DG  A C4    1 
ATOM   244 O "O5'" . DC  B 1 1  ? -11.398 6.568   15.202  1.00 74.87 ? 13  DC  B "O5'" 1 
ATOM   245 C "C5'" . DC  B 1 1  ? -11.200 7.287   16.435  1.00 66.29 ? 13  DC  B "C5'" 1 
ATOM   246 C "C4'" . DC  B 1 1  ? -9.808  7.048   16.973  1.00 59.42 ? 13  DC  B "C4'" 1 
ATOM   247 O "O4'" . DC  B 1 1  ? -9.664  5.652   17.299  1.00 56.52 ? 13  DC  B "O4'" 1 
ATOM   248 C "C3'" . DC  B 1 1  ? -8.696  7.348   15.977  1.00 58.21 ? 13  DC  B "C3'" 1 
ATOM   249 O "O3'" . DC  B 1 1  ? -7.551  7.835   16.691  1.00 63.31 ? 13  DC  B "O3'" 1 
ATOM   250 C "C2'" . DC  B 1 1  ? -8.472  6.014   15.289  1.00 52.36 ? 13  DC  B "C2'" 1 
ATOM   251 C "C1'" . DC  B 1 1  ? -8.801  5.000   16.371  1.00 52.12 ? 13  DC  B "C1'" 1 
ATOM   252 N N1    . DC  B 1 1  ? -9.504  3.818   15.895  1.00 44.90 ? 13  DC  B N1    1 
ATOM   253 C C2    . DC  B 1 1  ? -9.004  2.566   16.226  1.00 42.85 ? 13  DC  B C2    1 
ATOM   254 O O2    . DC  B 1 1  ? -7.921  2.493   16.789  1.00 43.36 ? 13  DC  B O2    1 
ATOM   255 N N3    . DC  B 1 1  ? -9.708  1.468   15.908  1.00 45.03 ? 13  DC  B N3    1 
ATOM   256 C C4    . DC  B 1 1  ? -10.860 1.591   15.250  1.00 47.64 ? 13  DC  B C4    1 
ATOM   257 N N4    . DC  B 1 1  ? -11.550 0.482   14.993  1.00 47.59 ? 13  DC  B N4    1 
ATOM   258 C C5    . DC  B 1 1  ? -11.361 2.859   14.834  1.00 45.41 ? 13  DC  B C5    1 
ATOM   259 C C6    . DC  B 1 1  ? -10.656 3.935   15.176  1.00 43.20 ? 13  DC  B C6    1 
ATOM   260 P P     . DG  B 1 2  ? -6.250  8.339   15.889  1.00 63.78 ? 14  DG  B P     1 
ATOM   261 O OP1   . DG  B 1 2  ? -5.569  9.360   16.719  1.00 67.32 ? 14  DG  B OP1   1 
ATOM   262 O OP2   . DG  B 1 2  ? -6.674  8.659   14.500  1.00 62.23 ? 14  DG  B OP2   1 
ATOM   263 O "O5'" . DG  B 1 2  ? -5.301  7.069   15.815  1.00 55.03 ? 14  DG  B "O5'" 1 
ATOM   264 C "C5'" . DG  B 1 2  ? -4.725  6.568   17.004  1.00 45.23 ? 14  DG  B "C5'" 1 
ATOM   265 C "C4'" . DG  B 1 2  ? -3.804  5.416   16.694  1.00 43.06 ? 14  DG  B "C4'" 1 
ATOM   266 O "O4'" . DG  B 1 2  ? -4.560  4.265   16.253  1.00 42.46 ? 14  DG  B "O4'" 1 
ATOM   267 C "C3'" . DG  B 1 2  ? -2.790  5.719   15.600  1.00 39.20 ? 14  DG  B "C3'" 1 
ATOM   268 O "O3'" . DG  B 1 2  ? -1.486  5.495   16.102  1.00 35.16 ? 14  DG  B "O3'" 1 
ATOM   269 C "C2'" . DG  B 1 2  ? -3.196  4.843   14.427  1.00 38.10 ? 14  DG  B "C2'" 1 
ATOM   270 C "C1'" . DG  B 1 2  ? -4.031  3.735   15.049  1.00 40.39 ? 14  DG  B "C1'" 1 
ATOM   271 N N9    . DG  B 1 2  ? -5.168  3.338   14.221  1.00 36.03 ? 14  DG  B N9    1 
ATOM   272 C C8    . DG  B 1 2  ? -6.027  4.174   13.561  1.00 35.35 ? 14  DG  B C8    1 
ATOM   273 N N7    . DG  B 1 2  ? -6.984  3.542   12.942  1.00 34.86 ? 14  DG  B N7    1 
ATOM   274 C C5    . DG  B 1 2  ? -6.736  2.202   13.203  1.00 32.12 ? 14  DG  B C5    1 
ATOM   275 C C6    . DG  B 1 2  ? -7.455  1.046   12.821  1.00 26.73 ? 14  DG  B C6    1 
ATOM   276 O O6    . DG  B 1 2  ? -8.505  0.968   12.170  1.00 28.65 ? 14  DG  B O6    1 
ATOM   277 N N1    . DG  B 1 2  ? -6.847  -0.106  13.282  1.00 25.81 ? 14  DG  B N1    1 
ATOM   278 C C2    . DG  B 1 2  ? -5.697  -0.147  14.017  1.00 27.65 ? 14  DG  B C2    1 
ATOM   279 N N2    . DG  B 1 2  ? -5.232  -1.359  14.316  1.00 27.97 ? 14  DG  B N2    1 
ATOM   280 N N3    . DG  B 1 2  ? -5.036  0.919   14.416  1.00 31.28 ? 14  DG  B N3    1 
ATOM   281 C C4    . DG  B 1 2  ? -5.607  2.058   13.972  1.00 34.13 ? 14  DG  B C4    1 
ATOM   282 P P     . DC  B 1 3  ? -0.231  5.596   15.117  1.00 36.26 ? 15  DC  B P     1 
ATOM   283 O OP1   . DC  B 1 3  ? 1.005   5.690   15.928  1.00 36.98 ? 15  DC  B OP1   1 
ATOM   284 O OP2   . DC  B 1 3  ? -0.495  6.555   14.020  1.00 30.96 ? 15  DC  B OP2   1 
ATOM   285 O "O5'" . DC  B 1 3  ? -0.173  4.154   14.493  1.00 40.96 ? 15  DC  B "O5'" 1 
ATOM   286 C "C5'" . DC  B 1 3  ? 0.068   3.060   15.345  1.00 34.25 ? 15  DC  B "C5'" 1 
ATOM   287 C "C4'" . DC  B 1 3  ? 0.093   1.802   14.531  1.00 30.27 ? 15  DC  B "C4'" 1 
ATOM   288 O "O4'" . DC  B 1 3  ? -1.194  1.673   13.899  1.00 30.14 ? 15  DC  B "O4'" 1 
ATOM   289 C "C3'" . DC  B 1 3  ? 1.104   1.879   13.409  1.00 25.51 ? 15  DC  B "C3'" 1 
ATOM   290 O "O3'" . DC  B 1 3  ? 2.072   0.895   13.628  1.00 30.06 ? 15  DC  B "O3'" 1 
ATOM   291 C "C2'" . DC  B 1 3  ? 0.301   1.781   12.122  1.00 32.10 ? 15  DC  B "C2'" 1 
ATOM   292 C "C1'" . DC  B 1 3  ? -1.042  1.257   12.565  1.00 30.86 ? 15  DC  B "C1'" 1 
ATOM   293 N N1    . DC  B 1 3  ? -2.183  1.777   11.825  1.00 28.12 ? 15  DC  B N1    1 
ATOM   294 C C2    . DC  B 1 3  ? -3.176  0.890   11.450  1.00 24.17 ? 15  DC  B C2    1 
ATOM   295 O O2    . DC  B 1 3  ? -3.058  -0.298  11.760  1.00 27.12 ? 15  DC  B O2    1 
ATOM   296 N N3    . DC  B 1 3  ? -4.244  1.335   10.770  1.00 24.75 ? 15  DC  B N3    1 
ATOM   297 C C4    . DC  B 1 3  ? -4.349  2.619   10.461  1.00 23.95 ? 15  DC  B C4    1 
ATOM   298 N N4    . DC  B 1 3  ? -5.421  2.991   9.764   1.00 24.82 ? 15  DC  B N4    1 
ATOM   299 C C5    . DC  B 1 3  ? -3.356  3.568   10.847  1.00 23.60 ? 15  DC  B C5    1 
ATOM   300 C C6    . DC  B 1 3  ? -2.292  3.104   11.519  1.00 25.08 ? 15  DC  B C6    1 
ATOM   301 P P     . DG  B 1 4  ? 3.350   0.830   12.691  1.00 37.89 ? 16  DG  B P     1 
ATOM   302 O OP1   . DG  B 1 4  ? 4.539   0.716   13.569  1.00 39.33 ? 16  DG  B OP1   1 
ATOM   303 O OP2   . DG  B 1 4  ? 3.235   1.947   11.718  1.00 34.77 ? 16  DG  B OP2   1 
ATOM   304 O "O5'" . DG  B 1 4  ? 3.150   -0.531  11.909  1.00 37.69 ? 16  DG  B "O5'" 1 
ATOM   305 C "C5'" . DG  B 1 4  ? 3.036   -1.725  12.652  1.00 33.31 ? 16  DG  B "C5'" 1 
ATOM   306 C "C4'" . DG  B 1 4  ? 2.314   -2.764  11.840  1.00 32.94 ? 16  DG  B "C4'" 1 
ATOM   307 O "O4'" . DG  B 1 4  ? 1.070   -2.188  11.383  1.00 32.56 ? 16  DG  B "O4'" 1 
ATOM   308 C "C3'" . DG  B 1 4  ? 3.067   -3.204  10.589  1.00 33.55 ? 16  DG  B "C3'" 1 
ATOM   309 O "O3'" . DG  B 1 4  ? 3.139   -4.634  10.602  1.00 44.19 ? 16  DG  B "O3'" 1 
ATOM   310 C "C2'" . DG  B 1 4  ? 2.301   -2.583  9.432   1.00 29.06 ? 16  DG  B "C2'" 1 
ATOM   311 C "C1'" . DG  B 1 4  ? 0.910   -2.376  9.984   1.00 28.81 ? 16  DG  B "C1'" 1 
ATOM   312 N N9    . DG  B 1 4  ? 0.218   -1.207  9.446   1.00 23.44 ? 16  DG  B N9    1 
ATOM   313 C C8    . DG  B 1 4  ? 0.669   0.088   9.428   1.00 20.64 ? 16  DG  B C8    1 
ATOM   314 N N7    . DG  B 1 4  ? -0.187  0.927   8.903   1.00 20.28 ? 16  DG  B N7    1 
ATOM   315 C C5    . DG  B 1 4  ? -1.268  0.136   8.549   1.00 15.43 ? 16  DG  B C5    1 
ATOM   316 C C6    . DG  B 1 4  ? -2.495  0.478   7.948   1.00 19.82 ? 16  DG  B C6    1 
ATOM   317 O O6    . DG  B 1 4  ? -2.901  1.587   7.600   1.00 27.71 ? 16  DG  B O6    1 
ATOM   318 N N1    . DG  B 1 4  ? -3.306  -0.636  7.764   1.00 21.32 ? 16  DG  B N1    1 
ATOM   319 C C2    . DG  B 1 4  ? -2.974  -1.915  8.125   1.00 20.39 ? 16  DG  B C2    1 
ATOM   320 N N2    . DG  B 1 4  ? -3.898  -2.863  7.898   1.00 24.87 ? 16  DG  B N2    1 
ATOM   321 N N3    . DG  B 1 4  ? -1.832  -2.250  8.678   1.00 20.89 ? 16  DG  B N3    1 
ATOM   322 C C4    . DG  B 1 4  ? -1.030  -1.186  8.868   1.00 21.52 ? 16  DG  B C4    1 
ATOM   323 P P     . DA  B 1 5  ? 3.606   -5.443  9.296   1.00 44.55 ? 17  DA  B P     1 
ATOM   324 O OP1   . DA  B 1 5  ? 4.052   -6.788  9.749   1.00 47.63 ? 17  DA  B OP1   1 
ATOM   325 O OP2   . DA  B 1 5  ? 4.530   -4.588  8.511   1.00 45.62 ? 17  DA  B OP2   1 
ATOM   326 O "O5'" . DA  B 1 5  ? 2.235   -5.606  8.514   1.00 37.68 ? 17  DA  B "O5'" 1 
ATOM   327 C "C5'" . DA  B 1 5  ? 1.122   -6.180  9.173   1.00 33.90 ? 17  DA  B "C5'" 1 
ATOM   328 C "C4'" . DA  B 1 5  ? 0.062   -6.518  8.164   1.00 38.77 ? 17  DA  B "C4'" 1 
ATOM   329 O "O4'" . DA  B 1 5  ? -0.570  -5.303  7.694   1.00 41.72 ? 17  DA  B "O4'" 1 
ATOM   330 C "C3'" . DA  B 1 5  ? 0.650   -7.199  6.931   1.00 42.78 ? 17  DA  B "C3'" 1 
ATOM   331 O "O3'" . DA  B 1 5  ? -0.193  -8.288  6.524   1.00 49.87 ? 17  DA  B "O3'" 1 
ATOM   332 C "C2'" . DA  B 1 5  ? 0.753   -6.080  5.914   1.00 40.96 ? 17  DA  B "C2'" 1 
ATOM   333 C "C1'" . DA  B 1 5  ? -0.380  -5.140  6.293   1.00 34.54 ? 17  DA  B "C1'" 1 
ATOM   334 N N9    . DA  B 1 5  ? -0.030  -3.736  6.040   1.00 28.12 ? 17  DA  B N9    1 
ATOM   335 C C8    . DA  B 1 5  ? 1.179   -3.131  6.293   1.00 26.38 ? 17  DA  B C8    1 
ATOM   336 N N7    . DA  B 1 5  ? 1.219   -1.866  5.950   1.00 25.74 ? 17  DA  B N7    1 
ATOM   337 C C5    . DA  B 1 5  ? -0.054  -1.616  5.443   1.00 22.20 ? 17  DA  B C5    1 
ATOM   338 C C6    . DA  B 1 5  ? -0.655  -0.453  4.927   1.00 21.66 ? 17  DA  B C6    1 
ATOM   339 N N6    . DA  B 1 5  ? -0.033  0.720   4.827   1.00 24.49 ? 17  DA  B N6    1 
ATOM   340 N N1    . DA  B 1 5  ? -1.940  -0.538  4.517   1.00 26.80 ? 17  DA  B N1    1 
ATOM   341 C C2    . DA  B 1 5  ? -2.572  -1.728  4.620   1.00 26.24 ? 17  DA  B C2    1 
ATOM   342 N N3    . DA  B 1 5  ? -2.112  -2.886  5.089   1.00 27.50 ? 17  DA  B N3    1 
ATOM   343 C C4    . DA  B 1 5  ? -0.832  -2.762  5.493   1.00 24.33 ? 17  DA  B C4    1 
ATOM   344 P P     . DA  B 1 6  ? 0.020   -8.984  5.094   1.00 46.92 ? 18  DA  B P     1 
ATOM   345 O OP1   . DA  B 1 6  ? -0.683  -10.287 5.196   1.00 54.58 ? 18  DA  B OP1   1 
ATOM   346 O OP2   . DA  B 1 6  ? 1.455   -8.937  4.694   1.00 44.01 ? 18  DA  B OP2   1 
ATOM   347 O "O5'" . DA  B 1 6  ? -0.842  -8.058  4.139   1.00 41.65 ? 18  DA  B "O5'" 1 
ATOM   348 C "C5'" . DA  B 1 6  ? -2.230  -7.952  4.377   1.00 37.22 ? 18  DA  B "C5'" 1 
ATOM   349 C "C4'" . DA  B 1 6  ? -2.904  -7.298  3.203   1.00 34.30 ? 18  DA  B "C4'" 1 
ATOM   350 O "O4'" . DA  B 1 6  ? -2.526  -5.915  3.201   1.00 33.62 ? 18  DA  B "O4'" 1 
ATOM   351 C "C3'" . DA  B 1 6  ? -2.504  -7.855  1.844   1.00 35.23 ? 18  DA  B "C3'" 1 
ATOM   352 O "O3'" . DA  B 1 6  ? -3.678  -8.053  1.055   1.00 42.00 ? 18  DA  B "O3'" 1 
ATOM   353 C "C2'" . DA  B 1 6  ? -1.575  -6.802  1.275   1.00 33.28 ? 18  DA  B "C2'" 1 
ATOM   354 C "C1'" . DA  B 1 6  ? -2.060  -5.531  1.936   1.00 29.80 ? 18  DA  B "C1'" 1 
ATOM   355 N N9    . DA  B 1 6  ? -1.007  -4.534  2.139   1.00 25.70 ? 18  DA  B N9    1 
ATOM   356 C C8    . DA  B 1 6  ? 0.253   -4.741  2.642   1.00 18.76 ? 18  DA  B C8    1 
ATOM   357 N N7    . DA  B 1 6  ? 1.000   -3.669  2.651   1.00 20.11 ? 18  DA  B N7    1 
ATOM   358 C C5    . DA  B 1 6  ? 0.170   -2.680  2.134   1.00 21.23 ? 18  DA  B C5    1 
ATOM   359 C C6    . DA  B 1 6  ? 0.372   -1.309  1.888   1.00 23.36 ? 18  DA  B C6    1 
ATOM   360 N N6    . DA  B 1 6  ? 1.512   -0.680  2.156   1.00 25.91 ? 18  DA  B N6    1 
ATOM   361 N N1    . DA  B 1 6  ? -0.652  -0.600  1.356   1.00 23.30 ? 18  DA  B N1    1 
ATOM   362 C C2    . DA  B 1 6  ? -1.806  -1.241  1.109   1.00 22.98 ? 18  DA  B C2    1 
ATOM   363 N N3    . DA  B 1 6  ? -2.124  -2.526  1.319   1.00 18.61 ? 18  DA  B N3    1 
ATOM   364 C C4    . DA  B 1 6  ? -1.075  -3.195  1.831   1.00 18.66 ? 18  DA  B C4    1 
ATOM   365 P P     . DT  B 1 7  ? -3.547  -8.576  -0.456  1.00 46.83 ? 19  DT  B P     1 
ATOM   366 O OP1   . DT  B 1 7  ? -4.789  -9.306  -0.798  1.00 48.23 ? 19  DT  B OP1   1 
ATOM   367 O OP2   . DT  B 1 7  ? -2.214  -9.223  -0.621  1.00 43.89 ? 19  DT  B OP2   1 
ATOM   368 O "O5'" . DT  B 1 7  ? -3.559  -7.248  -1.313  1.00 45.65 ? 19  DT  B "O5'" 1 
ATOM   369 C "C5'" . DT  B 1 7  ? -4.725  -6.470  -1.288  1.00 41.46 ? 19  DT  B "C5'" 1 
ATOM   370 C "C4'" . DT  B 1 7  ? -4.577  -5.270  -2.179  1.00 37.08 ? 19  DT  B "C4'" 1 
ATOM   371 O "O4'" . DT  B 1 7  ? -3.509  -4.455  -1.675  1.00 30.25 ? 19  DT  B "O4'" 1 
ATOM   372 C "C3'" . DT  B 1 7  ? -4.231  -5.570  -3.631  1.00 34.75 ? 19  DT  B "C3'" 1 
ATOM   373 O "O3'" . DT  B 1 7  ? -5.281  -5.055  -4.432  1.00 38.41 ? 19  DT  B "O3'" 1 
ATOM   374 C "C2'" . DT  B 1 7  ? -2.896  -4.879  -3.854  1.00 33.25 ? 19  DT  B "C2'" 1 
ATOM   375 C "C1'" . DT  B 1 7  ? -2.862  -3.849  -2.747  1.00 28.04 ? 19  DT  B "C1'" 1 
ATOM   376 N N1    . DT  B 1 7  ? -1.554  -3.513  -2.296  1.00 22.58 ? 19  DT  B N1    1 
ATOM   377 C C2    . DT  B 1 7  ? -1.144  -2.197  -2.393  1.00 22.07 ? 19  DT  B C2    1 
ATOM   378 O O2    . DT  B 1 7  ? -1.853  -1.308  -2.843  1.00 24.07 ? 19  DT  B O2    1 
ATOM   379 N N3    . DT  B 1 7  ? 0.127   -1.956  -1.949  1.00 18.71 ? 19  DT  B N3    1 
ATOM   380 C C4    . DT  B 1 7  ? 1.014   -2.867  -1.433  1.00 20.46 ? 19  DT  B C4    1 
ATOM   381 O O4    . DT  B 1 7  ? 2.124   -2.485  -1.085  1.00 25.84 ? 19  DT  B O4    1 
ATOM   382 C C5    . DT  B 1 7  ? 0.511   -4.252  -1.351  1.00 23.62 ? 19  DT  B C5    1 
ATOM   383 C C7    . DT  B 1 7  ? 1.391   -5.332  -0.793  1.00 16.33 ? 19  DT  B C7    1 
ATOM   384 C C6    . DT  B 1 7  ? -0.736  -4.491  -1.782  1.00 17.84 ? 19  DT  B C6    1 
ATOM   385 P P     . DT  B 1 8  ? -5.211  -5.198  -6.013  1.00 39.87 ? 20  DT  B P     1 
ATOM   386 O OP1   . DT  B 1 8  ? -6.603  -5.265  -6.518  1.00 45.12 ? 20  DT  B OP1   1 
ATOM   387 O OP2   . DT  B 1 8  ? -4.256  -6.287  -6.303  1.00 44.80 ? 20  DT  B OP2   1 
ATOM   388 O "O5'" . DT  B 1 8  ? -4.529  -3.839  -6.467  1.00 45.10 ? 20  DT  B "O5'" 1 
ATOM   389 C "C5'" . DT  B 1 8  ? -5.151  -2.607  -6.115  1.00 42.77 ? 20  DT  B "C5'" 1 
ATOM   390 C "C4'" . DT  B 1 8  ? -4.342  -1.425  -6.596  1.00 34.96 ? 20  DT  B "C4'" 1 
ATOM   391 O "O4'" . DT  B 1 8  ? -3.122  -1.267  -5.837  1.00 29.84 ? 20  DT  B "O4'" 1 
ATOM   392 C "C3'" . DT  B 1 8  ? -3.945  -1.430  -8.070  1.00 33.71 ? 20  DT  B "C3'" 1 
ATOM   393 O "O3'" . DT  B 1 8  ? -4.571  -0.310  -8.662  1.00 39.02 ? 20  DT  B "O3'" 1 
ATOM   394 C "C2'" . DT  B 1 8  ? -2.422  -1.391  -8.069  1.00 29.16 ? 20  DT  B "C2'" 1 
ATOM   395 C "C1'" . DT  B 1 8  ? -2.077  -0.850  -6.687  1.00 28.89 ? 20  DT  B "C1'" 1 
ATOM   396 N N1    . DT  B 1 8  ? -0.879  -1.369  -6.131  1.00 26.54 ? 20  DT  B N1    1 
ATOM   397 C C2    . DT  B 1 8  ? 0.082   -0.502  -5.683  1.00 30.09 ? 20  DT  B C2    1 
ATOM   398 O O2    . DT  B 1 8  ? 0.006   0.713   -5.805  1.00 29.92 ? 20  DT  B O2    1 
ATOM   399 N N3    . DT  B 1 8  ? 1.154   -1.109  -5.086  1.00 27.71 ? 20  DT  B N3    1 
ATOM   400 C C4    . DT  B 1 8  ? 1.361   -2.464  -4.921  1.00 25.87 ? 20  DT  B C4    1 
ATOM   401 O O4    . DT  B 1 8  ? 2.362   -2.861  -4.333  1.00 26.75 ? 20  DT  B O4    1 
ATOM   402 C C5    . DT  B 1 8  ? 0.331   -3.313  -5.463  1.00 27.68 ? 20  DT  B C5    1 
ATOM   403 C C7    . DT  B 1 8  ? 0.473   -4.804  -5.370  1.00 27.85 ? 20  DT  B C7    1 
ATOM   404 C C6    . DT  B 1 8  ? -0.723  -2.723  -6.032  1.00 29.53 ? 20  DT  B C6    1 
ATOM   405 P P     . DC  B 1 9  ? -4.505  -0.106  -10.235 1.00 42.80 ? 21  DC  B P     1 
ATOM   406 O OP1   . DC  B 1 9  ? -5.735  0.608   -10.656 1.00 39.38 ? 21  DC  B OP1   1 
ATOM   407 O OP2   . DC  B 1 9  ? -4.172  -1.433  -10.802 1.00 47.97 ? 21  DC  B OP2   1 
ATOM   408 O "O5'" . DC  B 1 9  ? -3.251  0.844   -10.385 1.00 39.94 ? 21  DC  B "O5'" 1 
ATOM   409 C "C5'" . DC  B 1 9  ? -3.224  2.037   -9.634  1.00 39.10 ? 21  DC  B "C5'" 1 
ATOM   410 C "C4'" . DC  B 1 9  ? -1.897  2.718   -9.799  1.00 37.47 ? 21  DC  B "C4'" 1 
ATOM   411 O "O4'" . DC  B 1 9  ? -0.886  1.995   -9.071  1.00 34.93 ? 21  DC  B "O4'" 1 
ATOM   412 C "C3'" . DC  B 1 9  ? -1.440  2.770   -11.250 1.00 41.80 ? 21  DC  B "C3'" 1 
ATOM   413 O "O3'" . DC  B 1 9  ? -1.331  4.144   -11.631 1.00 47.81 ? 21  DC  B "O3'" 1 
ATOM   414 C "C2'" . DC  B 1 9  ? -0.170  1.929   -11.281 1.00 37.90 ? 21  DC  B "C2'" 1 
ATOM   415 C "C1'" . DC  B 1 9  ? 0.293   1.955   -9.835  1.00 33.55 ? 21  DC  B "C1'" 1 
ATOM   416 N N1    . DC  B 1 9  ? 1.064   0.804   -9.375  1.00 31.07 ? 21  DC  B N1    1 
ATOM   417 C C2    . DC  B 1 9  ? 2.259   1.029   -8.690  1.00 31.69 ? 21  DC  B C2    1 
ATOM   418 O O2    . DC  B 1 9  ? 2.646   2.196   -8.540  1.00 39.30 ? 21  DC  B O2    1 
ATOM   419 N N3    . DC  B 1 9  ? 2.966   -0.028  -8.209  1.00 28.43 ? 21  DC  B N3    1 
ATOM   420 C C4    . DC  B 1 9  ? 2.508   -1.269  -8.395  1.00 21.60 ? 21  DC  B C4    1 
ATOM   421 N N4    . DC  B 1 9  ? 3.208   -2.264  -7.898  1.00 22.02 ? 21  DC  B N4    1 
ATOM   422 C C5    . DC  B 1 9  ? 1.306   -1.531  -9.105  1.00 24.58 ? 21  DC  B C5    1 
ATOM   423 C C6    . DC  B 1 9  ? 0.619   -0.473  -9.582  1.00 30.77 ? 21  DC  B C6    1 
ATOM   424 P P     . DG  B 1 10 ? -1.285  4.539   -13.182 1.00 50.33 ? 22  DG  B P     1 
ATOM   425 O OP1   . DG  B 1 10 ? -1.942  5.853   -13.382 1.00 52.98 ? 22  DG  B OP1   1 
ATOM   426 O OP2   . DG  B 1 10 ? -1.725  3.364   -13.978 1.00 54.18 ? 22  DG  B OP2   1 
ATOM   427 O "O5'" . DG  B 1 10 ? 0.268   4.729   -13.424 1.00 52.49 ? 22  DG  B "O5'" 1 
ATOM   428 C "C5'" . DG  B 1 10 ? 0.932   5.749   -12.718 1.00 51.36 ? 22  DG  B "C5'" 1 
ATOM   429 C "C4'" . DG  B 1 10 ? 2.421   5.637   -12.904 1.00 49.39 ? 22  DG  B "C4'" 1 
ATOM   430 O "O4'" . DG  B 1 10 ? 2.936   4.483   -12.212 1.00 48.82 ? 22  DG  B "O4'" 1 
ATOM   431 C "C3'" . DG  B 1 10 ? 2.885   5.528   -14.347 1.00 50.67 ? 22  DG  B "C3'" 1 
ATOM   432 O "O3'" . DG  B 1 10 ? 3.715   6.660   -14.612 1.00 58.15 ? 22  DG  B "O3'" 1 
ATOM   433 C "C2'" . DG  B 1 10 ? 3.525   4.151   -14.451 1.00 43.80 ? 22  DG  B "C2'" 1 
ATOM   434 C "C1'" . DG  B 1 10 ? 3.874   3.797   -13.019 1.00 39.30 ? 22  DG  B "C1'" 1 
ATOM   435 N N9    . DG  B 1 10 ? 3.743   2.380   -12.711 1.00 28.25 ? 22  DG  B N9    1 
ATOM   436 C C8    . DG  B 1 10 ? 2.738   1.541   -13.127 1.00 29.12 ? 22  DG  B C8    1 
ATOM   437 N N7    . DG  B 1 10 ? 2.865   0.320   -12.673 1.00 26.85 ? 22  DG  B N7    1 
ATOM   438 C C5    . DG  B 1 10 ? 4.027   0.358   -11.913 1.00 24.62 ? 22  DG  B C5    1 
ATOM   439 C C6    . DG  B 1 10 ? 4.667   -0.659  -11.180 1.00 26.15 ? 22  DG  B C6    1 
ATOM   440 O O6    . DG  B 1 10 ? 4.339   -1.842  -11.069 1.00 30.37 ? 22  DG  B O6    1 
ATOM   441 N N1    . DG  B 1 10 ? 5.818   -0.193  -10.553 1.00 20.12 ? 22  DG  B N1    1 
ATOM   442 C C2    . DG  B 1 10 ? 6.302   1.079   -10.661 1.00 15.31 ? 22  DG  B C2    1 
ATOM   443 N N2    . DG  B 1 10 ? 7.449   1.316   -10.059 1.00 17.05 ? 22  DG  B N2    1 
ATOM   444 N N3    . DG  B 1 10 ? 5.713   2.042   -11.330 1.00 22.66 ? 22  DG  B N3    1 
ATOM   445 C C4    . DG  B 1 10 ? 4.585   1.618   -11.930 1.00 22.35 ? 22  DG  B C4    1 
ATOM   446 P P     . DC  B 1 11 ? 4.785   6.624   -15.794 1.00 60.32 ? 23  DC  B P     1 
ATOM   447 O OP1   . DC  B 1 11 ? 5.025   8.029   -16.201 1.00 62.87 ? 23  DC  B OP1   1 
ATOM   448 O OP2   . DC  B 1 11 ? 4.355   5.611   -16.797 1.00 62.53 ? 23  DC  B OP2   1 
ATOM   449 O "O5'" . DC  B 1 11 ? 6.080   6.116   -15.039 1.00 59.56 ? 23  DC  B "O5'" 1 
ATOM   450 C "C5'" . DC  B 1 11 ? 6.617   6.911   -13.995 1.00 52.54 ? 23  DC  B "C5'" 1 
ATOM   451 C "C4'" . DC  B 1 11 ? 8.042   6.508   -13.740 1.00 46.77 ? 23  DC  B "C4'" 1 
ATOM   452 O "O4'" . DC  B 1 11 ? 8.007   5.177   -13.183 1.00 40.00 ? 23  DC  B "O4'" 1 
ATOM   453 C "C3'" . DC  B 1 11 ? 8.844   6.424   -15.035 1.00 47.37 ? 23  DC  B "C3'" 1 
ATOM   454 O "O3'" . DC  B 1 11 ? 10.047  7.205   -15.013 1.00 49.72 ? 23  DC  B "O3'" 1 
ATOM   455 C "C2'" . DC  B 1 11 ? 9.036   4.939   -15.281 1.00 45.71 ? 23  DC  B "C2'" 1 
ATOM   456 C "C1'" . DC  B 1 11 ? 8.741   4.264   -13.960 1.00 38.49 ? 23  DC  B "C1'" 1 
ATOM   457 N N1    . DC  B 1 11 ? 7.899   3.098   -14.188 1.00 33.91 ? 23  DC  B N1    1 
ATOM   458 C C2    . DC  B 1 11 ? 8.232   1.907   -13.563 1.00 28.02 ? 23  DC  B C2    1 
ATOM   459 O O2    . DC  B 1 11 ? 9.166   1.905   -12.762 1.00 30.36 ? 23  DC  B O2    1 
ATOM   460 N N3    . DC  B 1 11 ? 7.532   0.788   -13.845 1.00 25.05 ? 23  DC  B N3    1 
ATOM   461 C C4    . DC  B 1 11 ? 6.518   0.840   -14.709 1.00 27.97 ? 23  DC  B C4    1 
ATOM   462 N N4    . DC  B 1 11 ? 5.887   -0.307  -14.997 1.00 29.19 ? 23  DC  B N4    1 
ATOM   463 C C5    . DC  B 1 11 ? 6.112   2.067   -15.327 1.00 30.00 ? 23  DC  B C5    1 
ATOM   464 C C6    . DC  B 1 11 ? 6.824   3.163   -15.034 1.00 31.82 ? 23  DC  B C6    1 
ATOM   465 P P     . DG  B 1 12 ? 11.038  7.196   -16.291 1.00 49.41 ? 24  DG  B P     1 
ATOM   466 O OP1   . DG  B 1 12 ? 11.766  8.486   -16.261 1.00 58.31 ? 24  DG  B OP1   1 
ATOM   467 O OP2   . DG  B 1 12 ? 10.311  6.788   -17.526 1.00 46.73 ? 24  DG  B OP2   1 
ATOM   468 O "O5'" . DG  B 1 12 ? 12.083  6.048   -15.938 1.00 46.24 ? 24  DG  B "O5'" 1 
ATOM   469 C "C5'" . DG  B 1 12 ? 12.873  6.147   -14.754 1.00 41.61 ? 24  DG  B "C5'" 1 
ATOM   470 C "C4'" . DG  B 1 12 ? 13.740  4.920   -14.608 1.00 42.00 ? 24  DG  B "C4'" 1 
ATOM   471 O "O4'" . DG  B 1 12 ? 12.893  3.755   -14.452 1.00 37.37 ? 24  DG  B "O4'" 1 
ATOM   472 C "C3'" . DG  B 1 12 ? 14.608  4.645   -15.837 1.00 41.07 ? 24  DG  B "C3'" 1 
ATOM   473 O "O3'" . DG  B 1 12 ? 15.761  3.929   -15.452 1.00 49.73 ? 24  DG  B "O3'" 1 
ATOM   474 C "C2'" . DG  B 1 12 ? 13.750  3.698   -16.636 1.00 39.57 ? 24  DG  B "C2'" 1 
ATOM   475 C "C1'" . DG  B 1 12 ? 13.124  2.858   -15.528 1.00 34.95 ? 24  DG  B "C1'" 1 
ATOM   476 N N9    . DG  B 1 12 ? 11.846  2.279   -15.938 1.00 27.26 ? 24  DG  B N9    1 
ATOM   477 C C8    . DG  B 1 12 ? 10.855  2.919   -16.634 1.00 23.09 ? 24  DG  B C8    1 
ATOM   478 N N7    . DG  B 1 12 ? 9.878   2.131   -16.960 1.00 25.50 ? 24  DG  B N7    1 
ATOM   479 C C5    . DG  B 1 12 ? 10.229  0.902   -16.412 1.00 20.01 ? 24  DG  B C5    1 
ATOM   480 C C6    . DG  B 1 12 ? 9.551   -0.341  -16.442 1.00 20.56 ? 24  DG  B C6    1 
ATOM   481 O O6    . DG  B 1 12 ? 8.468   -0.606  -16.962 1.00 26.06 ? 24  DG  B O6    1 
ATOM   482 N N1    . DG  B 1 12 ? 10.259  -1.332  -15.778 1.00 16.10 ? 24  DG  B N1    1 
ATOM   483 C C2    . DG  B 1 12 ? 11.458  -1.138  -15.148 1.00 20.81 ? 24  DG  B C2    1 
ATOM   484 N N2    . DG  B 1 12 ? 11.999  -2.217  -14.545 1.00 26.71 ? 24  DG  B N2    1 
ATOM   485 N N3    . DG  B 1 12 ? 12.091  0.021   -15.107 1.00 21.11 ? 24  DG  B N3    1 
ATOM   486 C C4    . DG  B 1 12 ? 11.427  0.986   -15.761 1.00 17.20 ? 24  DG  B C4    1 
HETATM 487 N N1    . HT2 C 2 .  ? -0.525  3.534   -5.750  1.00 41.90 ? 25  HT2 B N1    1 
HETATM 488 N N2    . HT2 C 2 .  ? -1.508  5.010   -7.159  1.00 38.17 ? 25  HT2 B N2    1 
HETATM 489 C C1    . HT2 C 2 .  ? -1.646  3.972   -6.301  1.00 36.16 ? 25  HT2 B C1    1 
HETATM 490 C C2    . HT2 C 2 .  ? -2.837  3.307   -5.930  1.00 29.09 ? 25  HT2 B C2    1 
HETATM 491 C C3    . HT2 C 2 .  ? -2.730  2.381   -4.885  1.00 32.00 ? 25  HT2 B C3    1 
HETATM 492 C C4    . HT2 C 2 .  ? -3.840  1.634   -4.444  1.00 28.95 ? 25  HT2 B C4    1 
HETATM 493 C C5    . HT2 C 2 .  ? -5.092  1.791   -5.043  1.00 27.86 ? 25  HT2 B C5    1 
HETATM 494 C C6    . HT2 C 2 .  ? -5.246  2.716   -6.073  1.00 28.75 ? 25  HT2 B C6    1 
HETATM 495 C C7    . HT2 C 2 .  ? -4.116  3.484   -6.511  1.00 28.99 ? 25  HT2 B C7    1 
HETATM 496 N N3    . HT2 C 2 .  ? -3.936  0.693   -3.484  1.00 29.01 ? 25  HT2 B N3    1 
HETATM 497 C C8    . HT2 C 2 .  ? -5.227  0.242   -3.504  1.00 28.23 ? 25  HT2 B C8    1 
HETATM 498 N N4    . HT2 C 2 .  ? -5.936  0.897   -4.405  1.00 31.85 ? 25  HT2 B N4    1 
HETATM 499 C C9    . HT2 C 2 .  ? -5.677  -0.749  -2.690  1.00 30.33 ? 25  HT2 B C9    1 
HETATM 500 C C10   . HT2 C 2 .  ? -4.885  -1.250  -1.672  1.00 34.01 ? 25  HT2 B C10   1 
HETATM 501 C C11   . HT2 C 2 .  ? -5.448  -2.158  -0.764  1.00 36.74 ? 25  HT2 B C11   1 
HETATM 502 C C12   . HT2 C 2 .  ? -6.757  -2.568  -0.909  1.00 38.52 ? 25  HT2 B C12   1 
HETATM 503 C C13   . HT2 C 2 .  ? -7.514  -2.071  -1.957  1.00 38.12 ? 25  HT2 B C13   1 
HETATM 504 C C14   . HT2 C 2 .  ? -6.961  -1.176  -2.866  1.00 35.24 ? 25  HT2 B C14   1 
HETATM 505 N N5    . HT2 C 2 .  ? -4.969  -2.799  0.325   1.00 38.90 ? 25  HT2 B N5    1 
HETATM 506 C C15   . HT2 C 2 .  ? -5.969  -3.596  0.834   1.00 41.35 ? 25  HT2 B C15   1 
HETATM 507 N N6    . HT2 C 2 .  ? -7.031  -3.515  0.068   1.00 43.10 ? 25  HT2 B N6    1 
HETATM 508 C C16   . HT2 C 2 .  ? -5.915  -4.275  2.018   1.00 44.19 ? 25  HT2 B C16   1 
HETATM 509 C C17   . HT2 C 2 .  ? -4.940  -3.932  2.948   1.00 46.93 ? 25  HT2 B C17   1 
HETATM 510 C C18   . HT2 C 2 .  ? -4.859  -4.646  4.138   1.00 49.77 ? 25  HT2 B C18   1 
HETATM 511 C C19   . HT2 C 2 .  ? -5.738  -5.723  4.364   1.00 54.18 ? 25  HT2 B C19   1 
HETATM 512 C C20   . HT2 C 2 .  ? -6.767  -5.999  3.444   1.00 51.71 ? 25  HT2 B C20   1 
HETATM 513 C C21   . HT2 C 2 .  ? -6.847  -5.282  2.247   1.00 47.84 ? 25  HT2 B C21   1 
HETATM 514 C C22   . HT2 C 2 .  ? -5.554  -6.564  5.469   1.00 58.37 ? 25  HT2 B C22   1 
HETATM 515 N N7    . HT2 C 2 .  ? -4.340  -6.655  6.031   1.00 58.29 ? 25  HT2 B N7    1 
HETATM 516 N N8    . HT2 C 2 .  ? -6.582  -7.278  5.936   1.00 61.30 ? 25  HT2 B N8    1 
HETATM 517 O O     . HOH D 3 .  ? -0.149  13.795  -2.261  1.00 38.02 ? 27  HOH A O     1 
HETATM 518 O O     . HOH D 3 .  ? -1.935  8.170   0.459   1.00 39.47 ? 30  HOH A O     1 
HETATM 519 O O     . HOH D 3 .  ? 8.091   11.617  -5.641  1.00 72.74 ? 34  HOH A O     1 
HETATM 520 O O     . HOH D 3 .  ? -14.320 -6.469  1.631   1.00 44.10 ? 35  HOH A O     1 
HETATM 521 O O     . HOH D 3 .  ? 0.503   9.295   0.350   1.00 51.63 ? 36  HOH A O     1 
HETATM 522 O O     . HOH D 3 .  ? -11.351 -8.477  13.327  1.00 65.37 ? 37  HOH A O     1 
HETATM 523 O O     . HOH D 3 .  ? 16.584  -4.881  -3.829  1.00 37.95 ? 38  HOH A O     1 
HETATM 524 O O     . HOH D 3 .  ? 2.848   14.495  -2.703  1.00 42.23 ? 39  HOH A O     1 
HETATM 525 O O     . HOH D 3 .  ? 16.892  -1.998  -1.511  1.00 63.94 ? 41  HOH A O     1 
HETATM 526 O O     . HOH D 3 .  ? -7.394  6.317   -5.877  1.00 42.46 ? 42  HOH A O     1 
HETATM 527 O O     . HOH D 3 .  ? 4.403   15.049  -4.696  1.00 58.33 ? 43  HOH A O     1 
HETATM 528 O O     . HOH D 3 .  ? 16.457  -1.542  -4.323  1.00 78.10 ? 44  HOH A O     1 
HETATM 529 O O     . HOH D 3 .  ? -4.598  7.755   1.931   1.00 56.99 ? 47  HOH A O     1 
HETATM 530 O O     . HOH D 3 .  ? -2.862  14.170  -5.243  1.00 49.58 ? 48  HOH A O     1 
HETATM 531 O O     . HOH D 3 .  ? 0.723   11.908  -4.449  1.00 62.05 ? 50  HOH A O     1 
HETATM 532 O O     . HOH D 3 .  ? -11.896 -14.227 12.253  1.00 54.52 ? 51  HOH A O     1 
HETATM 533 O O     . HOH D 3 .  ? -5.916  -8.524  20.707  1.00 75.34 ? 52  HOH A O     1 
HETATM 534 O O     . HOH D 3 .  ? -10.658 -11.881 12.066  1.00 66.72 ? 55  HOH A O     1 
HETATM 535 O O     . HOH D 3 .  ? -1.793  8.685   3.235   1.00 69.48 ? 57  HOH A O     1 
HETATM 536 O O     . HOH D 3 .  ? 5.705   14.153  -0.069  1.00 44.12 ? 58  HOH A O     1 
HETATM 537 O O     . HOH D 3 .  ? -8.473  2.897   7.316   1.00 67.35 ? 59  HOH A O     1 
HETATM 538 O O     . HOH D 3 .  ? 14.667  -5.051  -2.000  1.00 41.60 ? 60  HOH A O     1 
HETATM 539 O O     . HOH D 3 .  ? -9.126  -9.350  16.189  1.00 77.94 ? 61  HOH A O     1 
HETATM 540 O O     . HOH D 3 .  ? -8.353  4.833   4.169   1.00 43.62 ? 63  HOH A O     1 
HETATM 541 O O     . HOH D 3 .  ? -6.393  4.570   6.072   1.00 33.38 ? 65  HOH A O     1 
HETATM 542 O O     . HOH D 3 .  ? 2.297   12.274  -1.420  1.00 48.21 ? 66  HOH A O     1 
HETATM 543 O O     . HOH D 3 .  ? -0.715  4.431   4.703   1.00 58.85 ? 67  HOH A O     1 
HETATM 544 O O     . HOH D 3 .  ? 16.894  -7.512  -4.004  1.00 56.34 ? 68  HOH A O     1 
HETATM 545 O O     . HOH D 3 .  ? -0.116  9.965   4.939   1.00 75.68 ? 69  HOH A O     1 
HETATM 546 O O     . HOH D 3 .  ? -5.893  8.869   -3.733  1.00 51.03 ? 71  HOH A O     1 
HETATM 547 O O     . HOH D 3 .  ? 9.003   10.514  -2.101  1.00 68.77 ? 73  HOH A O     1 
HETATM 548 O O     . HOH D 3 .  ? 2.320   2.880   3.643   1.00 52.40 ? 76  HOH A O     1 
HETATM 549 O O     . HOH D 3 .  ? -2.453  -12.713 13.849  1.00 51.68 ? 77  HOH A O     1 
HETATM 550 O O     . HOH D 3 .  ? 4.640   -6.031  -8.456  1.00 54.17 ? 80  HOH A O     1 
HETATM 551 O O     . HOH D 3 .  ? 1.856   8.186   2.496   1.00 75.46 ? 81  HOH A O     1 
HETATM 552 O O     . HOH D 3 .  ? -14.025 -11.540 9.812   1.00 68.22 ? 82  HOH A O     1 
HETATM 553 O O     . HOH D 3 .  ? -15.091 -7.314  4.318   1.00 65.90 ? 83  HOH A O     1 
HETATM 554 O O     . HOH D 3 .  ? 6.175   13.212  -3.111  1.00 55.81 ? 84  HOH A O     1 
HETATM 555 O O     . HOH D 3 .  ? -10.078 8.398   -3.989  1.00 52.96 ? 85  HOH A O     1 
HETATM 556 O O     . HOH D 3 .  ? 5.640   13.077  -6.128  1.00 65.66 ? 86  HOH A O     1 
HETATM 557 O O     . HOH D 3 .  ? -9.698  3.652   -5.122  1.00 54.13 ? 87  HOH A O     1 
HETATM 558 O O     . HOH D 3 .  ? -0.063  11.498  -1.037  1.00 72.37 ? 88  HOH A O     1 
HETATM 559 O O     . HOH D 3 .  ? -10.163 0.145   -3.030  1.00 79.76 ? 89  HOH A O     1 
HETATM 560 O O     . HOH D 3 .  ? -4.924  9.568   -6.157  1.00 61.38 ? 91  HOH A O     1 
HETATM 561 O O     . HOH D 3 .  ? 0.996   13.962  0.260   1.00 41.71 ? 92  HOH A O     1 
HETATM 562 O O     . HOH D 3 .  ? 16.074  -7.945  -7.773  1.00 52.74 ? 93  HOH A O     1 
HETATM 563 O O     . HOH D 3 .  ? -10.493 2.692   4.289   1.00 58.26 ? 94  HOH A O     1 
HETATM 564 O O     . HOH D 3 .  ? 7.326   8.726   0.169   1.00 69.15 ? 96  HOH A O     1 
HETATM 565 O O     . HOH D 3 .  ? -12.197 4.337   -1.761  1.00 59.59 ? 97  HOH A O     1 
HETATM 566 O O     . HOH D 3 .  ? -4.537  -10.936 11.483  1.00 71.93 ? 98  HOH A O     1 
HETATM 567 O O     . HOH D 3 .  ? 4.959   1.057   1.548   1.00 72.58 ? 100 HOH A O     1 
HETATM 568 O O     . HOH D 3 .  ? -1.849  12.413  -3.681  1.00 64.10 ? 101 HOH A O     1 
HETATM 569 O O     . HOH D 3 .  ? -8.664  3.744   10.190  1.00 70.68 ? 102 HOH A O     1 
HETATM 570 O O     . HOH E 3 .  ? 7.504   1.679   -18.700 1.00 49.76 ? 26  HOH B O     1 
HETATM 571 O O     . HOH E 3 .  ? -0.861  8.178   -10.693 1.00 55.49 ? 28  HOH B O     1 
HETATM 572 O O     . HOH E 3 .  ? 2.603   4.018   17.158  1.00 54.83 ? 29  HOH B O     1 
HETATM 573 O O     . HOH E 3 .  ? -1.914  4.660   7.035   1.00 51.00 ? 31  HOH B O     1 
HETATM 574 O O     . HOH E 3 .  ? -1.467  -7.650  -6.369  1.00 51.10 ? 32  HOH B O     1 
HETATM 575 O O     . HOH E 3 .  ? -3.315  -6.205  8.716   1.00 66.47 ? 33  HOH B O     1 
HETATM 576 O O     . HOH E 3 .  ? 1.533   5.091   -6.744  1.00 48.66 ? 40  HOH B O     1 
HETATM 577 O O     . HOH E 3 .  ? -0.299  4.648   9.672   1.00 60.62 ? 45  HOH B O     1 
HETATM 578 O O     . HOH E 3 .  ? -6.646  -8.753  2.660   1.00 77.21 ? 46  HOH B O     1 
HETATM 579 O O     . HOH E 3 .  ? 2.813   5.095   -9.265  1.00 51.85 ? 49  HOH B O     1 
HETATM 580 O O     . HOH E 3 .  ? 6.523   4.983   -11.021 1.00 55.38 ? 53  HOH B O     1 
HETATM 581 O O     . HOH E 3 .  ? 4.869   -7.457  12.344  1.00 75.74 ? 54  HOH B O     1 
HETATM 582 O O     . HOH E 3 .  ? 8.754   4.081   -18.450 1.00 59.75 ? 56  HOH B O     1 
HETATM 583 O O     . HOH E 3 .  ? -4.758  -9.803  4.285   1.00 63.16 ? 62  HOH B O     1 
HETATM 584 O O     . HOH E 3 .  ? -0.248  8.906   -13.127 1.00 59.59 ? 64  HOH B O     1 
HETATM 585 O O     . HOH E 3 .  ? 1.583   4.982   6.221   1.00 71.90 ? 70  HOH B O     1 
HETATM 586 O O     . HOH E 3 .  ? 3.578   8.554   -12.764 1.00 59.33 ? 72  HOH B O     1 
HETATM 587 O O     . HOH E 3 .  ? -8.407  -6.312  -4.194  1.00 40.62 ? 74  HOH B O     1 
HETATM 588 O O     . HOH E 3 .  ? -3.074  -10.383 6.489   1.00 79.94 ? 75  HOH B O     1 
HETATM 589 O O     . HOH E 3 .  ? 2.355   4.914   11.438  1.00 61.68 ? 78  HOH B O     1 
HETATM 590 O O     . HOH E 3 .  ? 0.761   3.000   7.535   1.00 69.67 ? 79  HOH B O     1 
HETATM 591 O O     . HOH E 3 .  ? 1.542   8.410   -15.719 1.00 72.86 ? 90  HOH B O     1 
HETATM 592 O O     . HOH E 3 .  ? -0.095  9.638   15.563  1.00 72.22 ? 95  HOH B O     1 
HETATM 593 O O     . HOH E 3 .  ? 3.881   -2.398  2.792   1.00 58.41 ? 99  HOH B O     1 
# 
